data_6T5Q
#
_entry.id   6T5Q
#
_cell.length_a   77.017
_cell.length_b   68.832
_cell.length_c   97.899
_cell.angle_alpha   90.000
_cell.angle_beta   112.570
_cell.angle_gamma   90.000
#
_symmetry.space_group_name_H-M   'P 1 21 1'
#
loop_
_entity.id
_entity.type
_entity.pdbx_description
1 polymer 'Carbonic anhydrase 12'
2 non-polymer 'ZINC ION'
3 non-polymer 3,5-diphenylbenzenesulfonamide
4 non-polymer 1,2-ETHANEDIOL
5 water water
#
_entity_poly.entity_id   1
_entity_poly.type   'polypeptide(L)'
_entity_poly.pdbx_seq_one_letter_code
;MSKWTYFGPDGENSWSKKYPSCGGLLQSPIDLHSDILQYDASLTPLEFQGYNLSANKQFLLTNNGHSVKLNLPSDMHIQG
LQSRYSATQLHLHWGNPNDPHGSEHTVSGQHFAAELHIVHYNSDLYPDASTASNKSEGLAVLAVLIEMGSFNPSYDKIFS
HLQHVKYKGQEAFVPGFNIEELLPERTAEYYRYRGSLTTPPCNPTVLWTVFRNPVQISQEQLLALETALYCTHMDDPSPR
EMINNFRQVQKFDERLVYTSFSQ
;
_entity_poly.pdbx_strand_id   A,B,C,D
#
# COMPACT_ATOMS: atom_id res chain seq x y z
N LYS A 3 -3.02 9.12 -41.25
CA LYS A 3 -1.92 8.13 -41.46
C LYS A 3 -1.97 7.08 -40.36
N TRP A 4 -0.98 7.08 -39.46
CA TRP A 4 -1.05 6.39 -38.17
C TRP A 4 -0.38 7.25 -37.10
N THR A 5 -0.82 7.07 -35.86
CA THR A 5 -0.34 7.85 -34.72
C THR A 5 -0.27 6.94 -33.50
N TYR A 6 0.02 7.53 -32.32
CA TYR A 6 -0.07 6.84 -31.04
C TYR A 6 -1.16 7.44 -30.13
N PHE A 7 -2.06 8.25 -30.69
CA PHE A 7 -3.05 8.91 -29.86
C PHE A 7 -4.26 9.27 -30.72
N GLY A 8 -5.46 8.89 -30.26
CA GLY A 8 -6.67 9.30 -30.93
C GLY A 8 -7.17 8.20 -31.85
N PRO A 9 -8.05 8.53 -32.83
CA PRO A 9 -8.66 7.54 -33.70
C PRO A 9 -7.73 6.81 -34.67
N ASP A 10 -6.52 7.37 -34.90
CA ASP A 10 -5.53 6.72 -35.76
C ASP A 10 -4.46 6.00 -34.93
N GLY A 11 -4.75 5.83 -33.65
CA GLY A 11 -3.76 5.23 -32.75
C GLY A 11 -3.72 3.71 -32.83
N GLU A 12 -2.99 3.11 -31.88
CA GLU A 12 -2.53 1.74 -32.11
C GLU A 12 -3.66 0.71 -32.19
N ASN A 13 -4.82 0.97 -31.56
CA ASN A 13 -5.86 -0.04 -31.64
C ASN A 13 -6.51 -0.04 -33.02
N SER A 14 -6.24 1.02 -33.80
CA SER A 14 -6.78 1.19 -35.16
C SER A 14 -5.79 0.85 -36.27
N TRP A 15 -4.52 0.52 -35.95
CA TRP A 15 -3.52 0.26 -36.96
C TRP A 15 -3.99 -0.88 -37.89
N SER A 16 -4.63 -1.90 -37.33
CA SER A 16 -4.93 -3.11 -38.10
C SER A 16 -5.92 -2.79 -39.22
N LYS A 17 -6.67 -1.69 -39.13
CA LYS A 17 -7.63 -1.37 -40.18
C LYS A 17 -6.97 -1.12 -41.54
N LYS A 18 -5.80 -0.47 -41.53
CA LYS A 18 -5.03 -0.15 -42.72
C LYS A 18 -3.79 -1.02 -42.84
N TYR A 19 -3.34 -1.65 -41.74
CA TYR A 19 -2.10 -2.41 -41.72
C TYR A 19 -2.38 -3.73 -41.03
N PRO A 20 -2.91 -4.74 -41.76
CA PRO A 20 -3.52 -5.91 -41.14
C PRO A 20 -2.55 -6.80 -40.35
N SER A 21 -1.24 -6.70 -40.63
CA SER A 21 -0.26 -7.46 -39.86
C SER A 21 -0.22 -6.97 -38.42
N CYS A 22 -0.73 -5.75 -38.15
CA CYS A 22 -0.74 -5.21 -36.79
C CYS A 22 -1.72 -6.02 -35.93
N GLY A 23 -2.64 -6.77 -36.59
CA GLY A 23 -3.57 -7.63 -35.87
C GLY A 23 -3.30 -9.12 -36.02
N GLY A 24 -2.10 -9.47 -36.49
CA GLY A 24 -1.75 -10.84 -36.81
C GLY A 24 -0.87 -11.47 -35.73
N LEU A 25 -0.04 -12.41 -36.17
CA LEU A 25 0.80 -13.21 -35.27
C LEU A 25 2.11 -12.49 -34.94
N LEU A 26 2.79 -12.96 -33.87
CA LEU A 26 4.18 -12.67 -33.54
C LEU A 26 4.41 -11.18 -33.27
N GLN A 27 3.43 -10.51 -32.67
CA GLN A 27 3.55 -9.06 -32.49
C GLN A 27 4.47 -8.72 -31.33
N SER A 28 5.18 -7.62 -31.50
CA SER A 28 6.02 -7.01 -30.47
C SER A 28 5.48 -5.61 -30.13
N PRO A 29 5.85 -4.97 -28.99
CA PRO A 29 6.80 -5.50 -28.00
C PRO A 29 6.11 -6.40 -26.94
N ILE A 30 6.89 -6.97 -26.00
CA ILE A 30 6.31 -7.88 -25.04
C ILE A 30 6.88 -7.59 -23.65
N ASP A 31 6.20 -8.13 -22.63
CA ASP A 31 6.75 -8.08 -21.27
C ASP A 31 7.64 -9.30 -21.03
N LEU A 32 8.86 -9.02 -20.59
CA LEU A 32 9.86 -10.04 -20.39
C LEU A 32 9.78 -10.43 -18.92
N HIS A 33 9.15 -11.58 -18.64
CA HIS A 33 8.97 -12.08 -17.29
C HIS A 33 9.38 -13.56 -17.22
N SER A 34 9.32 -14.17 -16.02
CA SER A 34 9.88 -15.50 -15.82
C SER A 34 8.97 -16.64 -16.32
N ASP A 35 7.65 -16.42 -16.35
CA ASP A 35 6.69 -17.45 -16.75
C ASP A 35 6.81 -17.80 -18.24
N ILE A 36 7.66 -17.08 -18.99
CA ILE A 36 7.80 -17.28 -20.42
C ILE A 36 9.27 -17.28 -20.85
N LEU A 37 10.21 -17.23 -19.89
CA LEU A 37 11.63 -17.19 -20.24
C LEU A 37 12.19 -18.62 -20.34
N GLN A 38 13.37 -18.76 -20.96
CA GLN A 38 14.06 -20.04 -21.11
C GLN A 38 15.51 -19.85 -21.55
N TYR A 39 16.44 -20.37 -20.73
CA TYR A 39 17.86 -20.35 -21.03
C TYR A 39 18.14 -21.19 -22.28
N ASP A 40 19.04 -20.71 -23.14
CA ASP A 40 19.45 -21.48 -24.30
C ASP A 40 20.92 -21.20 -24.62
N ALA A 41 21.71 -22.27 -24.66
CA ALA A 41 23.16 -22.17 -24.65
C ALA A 41 23.70 -21.66 -26.00
N SER A 42 22.88 -21.77 -27.06
CA SER A 42 23.33 -21.41 -28.40
C SER A 42 23.47 -19.90 -28.56
N LEU A 43 23.13 -19.14 -27.52
CA LEU A 43 23.11 -17.68 -27.64
C LEU A 43 24.42 -17.07 -27.16
N THR A 44 25.35 -16.96 -28.11
CA THR A 44 26.72 -16.52 -27.90
C THR A 44 26.84 -15.02 -28.13
N PRO A 45 27.98 -14.38 -27.79
CA PRO A 45 28.12 -12.92 -27.94
C PRO A 45 28.15 -12.41 -29.36
N LEU A 46 27.23 -11.50 -29.67
CA LEU A 46 27.20 -10.79 -30.95
C LEU A 46 28.45 -9.90 -31.04
N GLU A 47 29.00 -9.78 -32.26
CA GLU A 47 30.08 -8.83 -32.49
C GLU A 47 29.54 -7.69 -33.35
N PHE A 48 29.98 -6.47 -33.05
CA PHE A 48 29.50 -5.25 -33.70
C PHE A 48 30.59 -4.66 -34.60
N GLN A 49 30.46 -4.92 -35.92
CA GLN A 49 31.49 -4.59 -36.89
C GLN A 49 31.14 -3.31 -37.65
N GLY A 50 32.08 -2.37 -37.74
CA GLY A 50 31.87 -1.16 -38.52
C GLY A 50 30.99 -0.15 -37.78
N TYR A 51 30.83 -0.37 -36.48
CA TYR A 51 30.03 0.51 -35.64
C TYR A 51 30.82 1.77 -35.28
N ASN A 52 32.13 1.67 -35.33
CA ASN A 52 32.91 2.88 -35.19
C ASN A 52 32.81 3.67 -36.50
N LEU A 53 31.79 4.53 -36.60
CA LEU A 53 31.60 5.33 -37.80
C LEU A 53 32.72 6.36 -37.88
N SER A 54 33.12 6.64 -39.12
CA SER A 54 34.18 7.57 -39.42
C SER A 54 33.74 9.00 -39.10
N ALA A 55 34.54 9.69 -38.26
CA ALA A 55 34.31 11.08 -37.90
C ALA A 55 34.31 11.99 -39.15
N ASN A 56 34.79 11.45 -40.28
CA ASN A 56 34.91 12.18 -41.54
C ASN A 56 33.66 12.03 -42.41
N LYS A 57 32.68 11.26 -41.93
CA LYS A 57 31.40 11.13 -42.61
C LYS A 57 30.34 11.85 -41.79
N GLN A 58 29.21 12.17 -42.42
CA GLN A 58 28.10 12.76 -41.70
C GLN A 58 26.85 11.93 -42.02
N PHE A 59 25.90 11.84 -41.06
CA PHE A 59 24.74 10.95 -41.15
C PHE A 59 23.45 11.70 -40.87
N LEU A 60 22.41 11.36 -41.63
CA LEU A 60 21.20 12.17 -41.65
C LEU A 60 20.31 11.84 -40.44
N LEU A 61 19.95 12.86 -39.66
CA LEU A 61 18.97 12.73 -38.58
C LEU A 61 17.68 13.34 -39.10
N THR A 62 16.59 12.59 -38.97
CA THR A 62 15.34 13.05 -39.52
C THR A 62 14.31 12.91 -38.42
N ASN A 63 13.44 13.91 -38.34
CA ASN A 63 12.17 13.80 -37.65
C ASN A 63 11.15 13.30 -38.67
N ASN A 64 10.76 12.03 -38.54
CA ASN A 64 9.84 11.48 -39.51
C ASN A 64 8.39 11.68 -39.06
N GLY A 65 8.20 12.38 -37.93
CA GLY A 65 6.84 12.61 -37.49
C GLY A 65 6.37 11.55 -36.50
N HIS A 66 7.16 10.47 -36.35
CA HIS A 66 6.84 9.42 -35.39
C HIS A 66 8.00 9.15 -34.43
N SER A 67 9.24 9.39 -34.87
CA SER A 67 10.42 9.26 -34.04
C SER A 67 11.48 10.19 -34.60
N VAL A 68 12.64 10.18 -33.95
CA VAL A 68 13.84 10.76 -34.51
C VAL A 68 14.71 9.59 -34.91
N LYS A 69 15.23 9.63 -36.15
CA LYS A 69 15.97 8.50 -36.67
C LYS A 69 17.25 9.01 -37.30
N LEU A 70 18.28 8.21 -37.10
CA LEU A 70 19.57 8.42 -37.72
C LEU A 70 19.83 7.32 -38.74
N ASN A 71 20.11 7.75 -39.98
CA ASN A 71 20.45 6.84 -41.07
C ASN A 71 21.81 6.22 -40.79
N LEU A 72 21.94 4.89 -40.96
CA LEU A 72 23.21 4.21 -40.73
C LEU A 72 23.74 3.53 -42.02
N PRO A 73 25.07 3.33 -42.17
CA PRO A 73 25.64 2.77 -43.40
C PRO A 73 25.64 1.24 -43.37
N SER A 74 25.53 0.63 -44.55
CA SER A 74 25.32 -0.81 -44.66
C SER A 74 26.58 -1.63 -44.40
N ASP A 75 27.74 -0.97 -44.26
CA ASP A 75 28.95 -1.68 -43.89
C ASP A 75 28.95 -1.99 -42.39
N MET A 76 28.13 -1.27 -41.62
CA MET A 76 27.91 -1.57 -40.22
C MET A 76 27.07 -2.85 -40.13
N HIS A 77 27.50 -3.84 -39.33
CA HIS A 77 26.72 -5.08 -39.35
C HIS A 77 26.90 -5.89 -38.05
N ILE A 78 25.99 -6.85 -37.83
CA ILE A 78 26.05 -7.79 -36.73
C ILE A 78 26.68 -9.07 -37.25
N GLN A 79 27.64 -9.60 -36.47
CA GLN A 79 28.22 -10.93 -36.68
C GLN A 79 27.75 -11.84 -35.55
N GLY A 80 27.43 -13.10 -35.90
CA GLY A 80 27.11 -14.09 -34.89
C GLY A 80 25.80 -14.82 -35.16
N LEU A 81 24.91 -14.20 -35.94
CA LEU A 81 23.66 -14.83 -36.33
C LEU A 81 23.92 -15.71 -37.55
N GLN A 82 22.93 -16.56 -37.92
CA GLN A 82 23.07 -17.47 -39.05
C GLN A 82 23.34 -16.72 -40.36
N SER A 83 22.71 -15.54 -40.51
CA SER A 83 22.96 -14.63 -41.61
C SER A 83 23.71 -13.41 -41.09
N ARG A 84 24.23 -12.62 -42.02
CA ARG A 84 24.73 -11.32 -41.67
C ARG A 84 23.57 -10.31 -41.75
N TYR A 85 23.44 -9.50 -40.69
CA TYR A 85 22.52 -8.36 -40.63
C TYR A 85 23.26 -7.03 -40.72
N SER A 86 22.90 -6.19 -41.67
CA SER A 86 23.54 -4.91 -41.92
C SER A 86 22.64 -3.75 -41.44
N ALA A 87 23.26 -2.71 -40.85
CA ALA A 87 22.47 -1.63 -40.23
C ALA A 87 21.78 -0.80 -41.29
N THR A 88 20.60 -0.28 -40.94
CA THR A 88 19.95 0.69 -41.80
C THR A 88 19.65 1.96 -41.02
N GLN A 89 19.23 1.85 -39.74
CA GLN A 89 18.89 3.05 -38.97
C GLN A 89 18.81 2.73 -37.49
N LEU A 90 18.89 3.80 -36.67
CA LEU A 90 18.47 3.68 -35.27
C LEU A 90 17.44 4.76 -34.93
N HIS A 91 16.64 4.50 -33.89
CA HIS A 91 15.66 5.50 -33.51
C HIS A 91 15.28 5.19 -32.06
N LEU A 92 14.41 6.03 -31.47
CA LEU A 92 14.13 5.85 -30.06
C LEU A 92 12.63 5.89 -29.81
N HIS A 93 12.25 5.47 -28.62
CA HIS A 93 10.86 5.53 -28.17
C HIS A 93 10.88 6.08 -26.75
N TRP A 94 9.92 6.95 -26.40
CA TRP A 94 9.94 7.51 -25.05
C TRP A 94 8.54 7.90 -24.58
N GLY A 95 8.42 8.34 -23.31
CA GLY A 95 7.11 8.67 -22.75
C GLY A 95 6.88 10.18 -22.77
N ASN A 96 6.73 10.80 -21.58
CA ASN A 96 6.40 12.21 -21.53
C ASN A 96 6.82 12.75 -20.15
N PRO A 97 7.00 14.07 -19.95
CA PRO A 97 7.46 14.57 -18.65
C PRO A 97 6.64 14.15 -17.43
N ASN A 98 5.32 14.02 -17.60
CA ASN A 98 4.35 13.68 -16.54
C ASN A 98 4.43 12.19 -16.21
N ASP A 99 4.81 11.36 -17.20
CA ASP A 99 4.94 9.91 -17.03
C ASP A 99 6.15 9.45 -17.84
N PRO A 100 7.40 9.62 -17.31
CA PRO A 100 8.63 9.37 -18.06
C PRO A 100 9.10 7.91 -18.10
N HIS A 101 8.23 7.04 -18.64
CA HIS A 101 8.41 5.60 -18.68
C HIS A 101 7.86 5.05 -19.99
N GLY A 102 8.64 5.21 -21.05
CA GLY A 102 8.07 4.92 -22.35
C GLY A 102 8.95 4.00 -23.20
N SER A 103 9.60 3.05 -22.53
CA SER A 103 10.21 1.92 -23.22
C SER A 103 9.10 1.09 -23.90
N GLU A 104 9.48 0.32 -24.90
CA GLU A 104 8.50 -0.55 -25.55
C GLU A 104 8.42 -1.88 -24.84
N HIS A 105 9.57 -2.57 -24.73
CA HIS A 105 9.64 -3.77 -23.90
C HIS A 105 9.58 -3.37 -22.43
N THR A 106 9.02 -4.26 -21.64
CA THR A 106 8.99 -4.11 -20.19
C THR A 106 9.64 -5.34 -19.57
N VAL A 107 10.07 -5.21 -18.29
CA VAL A 107 10.71 -6.32 -17.61
C VAL A 107 9.96 -6.50 -16.29
N SER A 108 9.31 -7.66 -16.11
CA SER A 108 8.48 -7.93 -14.93
C SER A 108 7.46 -6.81 -14.70
N GLY A 109 6.87 -6.33 -15.82
CA GLY A 109 5.81 -5.35 -15.79
C GLY A 109 6.30 -3.91 -15.81
N GLN A 110 7.63 -3.72 -15.66
CA GLN A 110 8.20 -2.39 -15.50
C GLN A 110 8.67 -1.80 -16.83
N HIS A 111 8.22 -0.56 -17.14
CA HIS A 111 8.80 0.24 -18.23
C HIS A 111 10.08 0.91 -17.78
N PHE A 112 11.05 1.00 -18.68
CA PHE A 112 12.15 1.94 -18.51
C PHE A 112 11.75 3.31 -19.08
N ALA A 113 12.64 4.30 -18.88
CA ALA A 113 12.38 5.64 -19.35
C ALA A 113 12.19 5.65 -20.88
N ALA A 114 13.06 4.92 -21.58
CA ALA A 114 13.06 5.01 -23.04
C ALA A 114 13.71 3.77 -23.61
N GLU A 115 13.72 3.67 -24.94
CA GLU A 115 14.37 2.51 -25.55
C GLU A 115 14.98 2.94 -26.88
N LEU A 116 16.19 2.42 -27.15
CA LEU A 116 16.86 2.59 -28.43
C LEU A 116 16.74 1.30 -29.25
N HIS A 117 16.49 1.48 -30.56
CA HIS A 117 16.35 0.37 -31.48
C HIS A 117 17.34 0.59 -32.61
N ILE A 118 18.20 -0.42 -32.81
CA ILE A 118 19.12 -0.33 -33.95
C ILE A 118 18.68 -1.43 -34.92
N VAL A 119 18.18 -0.95 -36.05
CA VAL A 119 17.50 -1.81 -37.02
C VAL A 119 18.53 -2.28 -38.08
N HIS A 120 18.59 -3.59 -38.31
CA HIS A 120 19.43 -4.16 -39.34
C HIS A 120 18.57 -5.00 -40.28
N TYR A 121 19.05 -5.17 -41.52
CA TYR A 121 18.39 -6.04 -42.49
C TYR A 121 19.27 -7.24 -42.86
N ASN A 122 18.63 -8.35 -43.25
CA ASN A 122 19.40 -9.52 -43.65
C ASN A 122 20.04 -9.26 -45.02
N SER A 123 21.32 -8.90 -45.03
CA SER A 123 21.99 -8.52 -46.25
C SER A 123 22.42 -9.76 -47.04
N ASP A 124 22.45 -10.93 -46.40
CA ASP A 124 22.76 -12.16 -47.12
C ASP A 124 21.63 -12.51 -48.09
N LEU A 125 20.37 -12.29 -47.68
CA LEU A 125 19.19 -12.69 -48.43
C LEU A 125 18.63 -11.59 -49.33
N TYR A 126 18.83 -10.32 -48.96
CA TYR A 126 18.10 -9.23 -49.57
C TYR A 126 19.01 -8.06 -49.93
N PRO A 127 18.71 -7.38 -51.06
CA PRO A 127 19.47 -6.20 -51.52
C PRO A 127 19.47 -4.97 -50.63
N ASP A 128 18.35 -4.69 -49.94
CA ASP A 128 18.21 -3.47 -49.12
C ASP A 128 17.19 -3.66 -48.00
N ALA A 129 17.14 -2.67 -47.09
CA ALA A 129 16.27 -2.73 -45.91
C ALA A 129 14.81 -2.73 -46.36
N SER A 130 14.49 -1.82 -47.29
CA SER A 130 13.18 -1.68 -47.90
C SER A 130 12.67 -3.07 -48.32
N THR A 131 13.43 -3.72 -49.20
CA THR A 131 13.06 -5.03 -49.72
C THR A 131 12.89 -6.04 -48.58
N ALA A 132 13.82 -6.04 -47.61
CA ALA A 132 13.88 -7.03 -46.54
C ALA A 132 12.69 -6.93 -45.58
N SER A 133 12.14 -5.74 -45.37
CA SER A 133 11.31 -5.54 -44.18
C SER A 133 10.08 -6.45 -44.10
N ASN A 134 9.52 -6.88 -45.24
CA ASN A 134 8.31 -7.68 -45.22
C ASN A 134 8.58 -9.12 -45.64
N LYS A 135 9.84 -9.53 -45.56
CA LYS A 135 10.21 -10.85 -46.04
C LYS A 135 10.77 -11.71 -44.92
N SER A 136 10.80 -13.02 -45.19
CA SER A 136 11.31 -14.04 -44.29
C SER A 136 12.69 -13.66 -43.76
N GLU A 137 12.85 -13.70 -42.42
CA GLU A 137 14.11 -13.41 -41.73
C GLU A 137 14.74 -12.10 -42.19
N GLY A 138 13.90 -11.14 -42.55
CA GLY A 138 14.35 -9.91 -43.14
C GLY A 138 15.13 -9.01 -42.17
N LEU A 139 14.75 -9.03 -40.87
CA LEU A 139 15.16 -7.95 -39.99
C LEU A 139 15.69 -8.49 -38.67
N ALA A 140 16.64 -7.75 -38.11
CA ALA A 140 17.08 -7.95 -36.74
C ALA A 140 17.23 -6.59 -36.09
N VAL A 141 16.65 -6.45 -34.89
CA VAL A 141 16.72 -5.19 -34.17
C VAL A 141 17.42 -5.45 -32.84
N LEU A 142 18.35 -4.54 -32.48
CA LEU A 142 18.93 -4.49 -31.15
C LEU A 142 18.15 -3.48 -30.33
N ALA A 143 17.78 -3.85 -29.10
CA ALA A 143 17.05 -2.92 -28.26
C ALA A 143 17.87 -2.64 -26.99
N VAL A 144 18.05 -1.34 -26.69
CA VAL A 144 18.72 -0.95 -25.45
C VAL A 144 17.71 -0.19 -24.57
N LEU A 145 17.54 -0.68 -23.34
CA LEU A 145 16.65 -0.01 -22.39
C LEU A 145 17.43 1.11 -21.73
N ILE A 146 16.79 2.28 -21.56
CA ILE A 146 17.44 3.49 -21.09
C ILE A 146 16.79 3.89 -19.77
N GLU A 147 17.61 4.17 -18.74
CA GLU A 147 17.09 4.62 -17.45
C GLU A 147 17.79 5.91 -17.04
N MET A 148 17.36 6.55 -15.94
CA MET A 148 17.99 7.80 -15.52
C MET A 148 19.22 7.49 -14.70
N GLY A 149 20.21 8.38 -14.79
CA GLY A 149 21.48 8.23 -14.09
C GLY A 149 22.40 9.36 -14.50
N SER A 150 23.69 9.03 -14.69
CA SER A 150 24.73 10.00 -15.01
C SER A 150 24.52 10.53 -16.44
N PHE A 151 24.96 11.77 -16.67
CA PHE A 151 25.04 12.32 -18.01
C PHE A 151 25.88 11.42 -18.93
N ASN A 152 25.39 11.28 -20.17
CA ASN A 152 25.92 10.31 -21.12
C ASN A 152 26.36 11.03 -22.39
N PRO A 153 27.69 11.19 -22.62
CA PRO A 153 28.16 12.01 -23.74
C PRO A 153 27.87 11.34 -25.08
N SER A 154 27.86 10.01 -25.07
CA SER A 154 27.57 9.22 -26.26
C SER A 154 26.19 9.57 -26.77
N TYR A 155 25.20 9.57 -25.87
CA TYR A 155 23.83 9.87 -26.26
C TYR A 155 23.74 11.32 -26.69
N ASP A 156 24.57 12.19 -26.08
CA ASP A 156 24.52 13.60 -26.42
C ASP A 156 24.92 13.85 -27.88
N LYS A 157 25.69 12.92 -28.48
CA LYS A 157 26.05 13.05 -29.89
C LYS A 157 24.80 13.12 -30.78
N ILE A 158 23.70 12.52 -30.31
CA ILE A 158 22.41 12.58 -30.99
C ILE A 158 21.60 13.76 -30.44
N PHE A 159 21.48 13.77 -29.11
CA PHE A 159 20.55 14.64 -28.41
C PHE A 159 20.88 16.10 -28.71
N SER A 160 22.18 16.41 -28.80
CA SER A 160 22.62 17.77 -29.10
C SER A 160 21.97 18.30 -30.36
N HIS A 161 21.40 17.42 -31.20
CA HIS A 161 20.87 17.89 -32.47
C HIS A 161 19.35 18.02 -32.42
N LEU A 162 18.75 17.61 -31.31
CA LEU A 162 17.30 17.57 -31.22
C LEU A 162 16.68 18.93 -31.53
N GLN A 163 17.28 20.05 -31.05
CA GLN A 163 16.62 21.33 -31.22
C GLN A 163 16.54 21.77 -32.68
N HIS A 164 17.23 21.05 -33.58
CA HIS A 164 17.27 21.41 -34.99
C HIS A 164 16.33 20.57 -35.86
N VAL A 165 15.66 19.56 -35.26
CA VAL A 165 14.78 18.71 -36.04
C VAL A 165 13.38 18.65 -35.39
N LYS A 166 12.89 19.82 -35.00
CA LYS A 166 11.77 19.86 -34.07
C LYS A 166 10.47 19.43 -34.76
N TYR A 167 10.36 19.70 -36.06
CA TYR A 167 9.11 19.50 -36.79
C TYR A 167 9.24 18.37 -37.81
N LYS A 168 8.08 17.79 -38.18
CA LYS A 168 8.04 16.72 -39.17
C LYS A 168 8.70 17.15 -40.47
N GLY A 169 9.50 16.24 -41.03
CA GLY A 169 10.20 16.44 -42.30
C GLY A 169 11.46 17.30 -42.19
N GLN A 170 11.83 17.74 -40.98
CA GLN A 170 13.05 18.50 -40.80
C GLN A 170 14.21 17.53 -40.61
N GLU A 171 15.41 17.92 -41.08
CA GLU A 171 16.55 17.03 -41.09
C GLU A 171 17.76 17.79 -40.59
N ALA A 172 18.74 17.07 -40.05
CA ALA A 172 19.99 17.69 -39.63
C ALA A 172 21.10 16.66 -39.83
N PHE A 173 22.37 17.12 -39.91
CA PHE A 173 23.48 16.19 -40.14
C PHE A 173 24.21 15.94 -38.82
N VAL A 174 24.71 14.71 -38.68
CA VAL A 174 25.37 14.26 -37.45
C VAL A 174 26.73 13.67 -37.82
N PRO A 175 27.86 14.27 -37.40
CA PRO A 175 29.19 13.70 -37.63
C PRO A 175 29.28 12.28 -37.08
N GLY A 176 29.86 11.39 -37.89
CA GLY A 176 30.10 10.01 -37.49
C GLY A 176 30.70 9.94 -36.09
N PHE A 177 30.36 8.87 -35.37
CA PHE A 177 30.83 8.56 -34.02
C PHE A 177 30.70 7.06 -33.78
N ASN A 178 31.21 6.59 -32.64
CA ASN A 178 31.17 5.15 -32.39
C ASN A 178 29.81 4.76 -31.80
N ILE A 179 29.00 4.00 -32.58
CA ILE A 179 27.66 3.58 -32.17
C ILE A 179 27.69 2.61 -31.01
N GLU A 180 28.78 1.84 -30.91
CA GLU A 180 28.87 0.87 -29.83
C GLU A 180 28.86 1.60 -28.48
N GLU A 181 29.08 2.92 -28.48
CA GLU A 181 29.08 3.67 -27.22
C GLU A 181 27.65 3.87 -26.70
N LEU A 182 26.66 3.57 -27.55
CA LEU A 182 25.26 3.68 -27.16
C LEU A 182 24.80 2.37 -26.52
N LEU A 183 25.62 1.32 -26.64
CA LEU A 183 25.25 0.04 -26.08
C LEU A 183 25.67 -0.03 -24.61
N PRO A 184 25.07 -0.93 -23.81
CA PRO A 184 25.44 -1.08 -22.40
C PRO A 184 26.74 -1.87 -22.37
N GLU A 185 27.33 -2.00 -21.17
CA GLU A 185 28.34 -3.03 -20.95
C GLU A 185 27.65 -4.37 -20.71
N ARG A 186 28.39 -5.45 -20.97
CA ARG A 186 27.90 -6.82 -20.77
C ARG A 186 26.86 -7.17 -21.83
N THR A 187 27.14 -6.80 -23.09
CA THR A 187 26.25 -7.07 -24.21
C THR A 187 26.03 -8.58 -24.36
N ALA A 188 26.81 -9.37 -23.64
CA ALA A 188 26.75 -10.83 -23.72
C ALA A 188 25.43 -11.37 -23.21
N GLU A 189 24.81 -10.63 -22.27
CA GLU A 189 23.54 -10.97 -21.66
C GLU A 189 22.41 -10.20 -22.35
N TYR A 190 21.46 -10.97 -22.88
CA TYR A 190 20.39 -10.47 -23.75
C TYR A 190 19.24 -11.47 -23.79
N TYR A 191 18.03 -10.99 -24.09
CA TYR A 191 16.88 -11.83 -24.38
C TYR A 191 16.73 -11.89 -25.91
N ARG A 192 16.12 -12.97 -26.40
CA ARG A 192 16.02 -13.23 -27.85
C ARG A 192 14.67 -13.87 -28.16
N TYR A 193 13.94 -13.31 -29.16
CA TYR A 193 12.67 -13.91 -29.55
C TYR A 193 12.30 -13.43 -30.94
N ARG A 194 11.43 -14.17 -31.64
CA ARG A 194 10.93 -13.78 -32.96
C ARG A 194 9.66 -12.95 -32.76
N GLY A 195 9.68 -11.73 -33.30
CA GLY A 195 8.50 -10.91 -33.23
C GLY A 195 8.34 -10.00 -34.44
N SER A 196 7.89 -8.77 -34.22
CA SER A 196 7.46 -7.91 -35.31
C SER A 196 8.08 -6.50 -35.22
N LEU A 197 7.93 -5.74 -36.30
CA LEU A 197 8.03 -4.29 -36.17
C LEU A 197 6.99 -3.81 -35.16
N THR A 198 7.34 -2.78 -34.38
CA THR A 198 6.44 -2.24 -33.36
C THR A 198 5.69 -1.03 -33.90
N THR A 199 5.93 -0.74 -35.19
CA THR A 199 5.16 0.33 -35.84
C THR A 199 4.55 -0.28 -37.09
N PRO A 200 3.45 0.31 -37.64
CA PRO A 200 2.95 -0.15 -38.94
C PRO A 200 4.11 -0.19 -39.91
N PRO A 201 4.17 -1.19 -40.82
CA PRO A 201 3.11 -2.18 -41.02
C PRO A 201 3.15 -3.41 -40.12
N CYS A 202 3.95 -3.38 -39.03
CA CYS A 202 3.95 -4.43 -38.00
C CYS A 202 4.34 -5.79 -38.56
N ASN A 203 5.25 -5.84 -39.54
CA ASN A 203 5.53 -7.10 -40.21
C ASN A 203 6.20 -8.06 -39.24
N PRO A 204 5.81 -9.34 -39.21
CA PRO A 204 6.35 -10.29 -38.22
C PRO A 204 7.67 -10.90 -38.69
N THR A 205 8.67 -10.05 -38.90
CA THR A 205 9.88 -10.43 -39.62
C THR A 205 11.14 -10.03 -38.84
N VAL A 206 10.97 -9.79 -37.54
CA VAL A 206 12.08 -9.29 -36.74
C VAL A 206 12.59 -10.36 -35.77
N LEU A 207 13.92 -10.54 -35.77
CA LEU A 207 14.64 -11.24 -34.71
C LEU A 207 15.10 -10.21 -33.68
N TRP A 208 14.41 -10.21 -32.53
CA TRP A 208 14.72 -9.26 -31.47
C TRP A 208 15.87 -9.78 -30.59
N THR A 209 16.76 -8.86 -30.23
CA THR A 209 17.74 -8.99 -29.14
C THR A 209 17.57 -7.78 -28.21
N VAL A 210 17.12 -8.05 -26.96
CA VAL A 210 16.96 -6.97 -26.00
C VAL A 210 18.05 -7.20 -24.93
N PHE A 211 18.93 -6.23 -24.77
CA PHE A 211 20.05 -6.43 -23.85
C PHE A 211 19.52 -6.37 -22.41
N ARG A 212 20.07 -7.25 -21.56
CA ARG A 212 19.63 -7.42 -20.20
C ARG A 212 19.83 -6.12 -19.42
N ASN A 213 20.92 -5.42 -19.72
CA ASN A 213 21.37 -4.33 -18.88
C ASN A 213 21.02 -3.01 -19.53
N PRO A 214 20.44 -2.05 -18.78
CA PRO A 214 20.13 -0.73 -19.32
C PRO A 214 21.36 0.18 -19.42
N VAL A 215 21.20 1.29 -20.13
CA VAL A 215 22.12 2.41 -20.07
C VAL A 215 21.48 3.56 -19.29
N GLN A 216 22.29 4.57 -18.97
CA GLN A 216 21.85 5.71 -18.17
C GLN A 216 22.06 6.98 -18.97
N ILE A 217 21.09 7.90 -18.86
CA ILE A 217 21.19 9.27 -19.33
C ILE A 217 20.71 10.16 -18.20
N SER A 218 21.09 11.44 -18.26
CA SER A 218 20.74 12.34 -17.17
C SER A 218 19.28 12.73 -17.26
N GLN A 219 18.72 13.21 -16.16
CA GLN A 219 17.36 13.70 -16.35
C GLN A 219 17.25 14.90 -17.26
N GLU A 220 18.34 15.67 -17.46
CA GLU A 220 18.28 16.77 -18.39
C GLU A 220 18.20 16.23 -19.82
N GLN A 221 18.94 15.15 -20.06
CA GLN A 221 18.95 14.55 -21.38
C GLN A 221 17.57 13.96 -21.69
N LEU A 222 16.97 13.26 -20.70
CA LEU A 222 15.67 12.61 -20.90
C LEU A 222 14.60 13.68 -21.17
N LEU A 223 14.66 14.76 -20.39
CA LEU A 223 13.68 15.82 -20.56
C LEU A 223 13.81 16.43 -21.95
N ALA A 224 15.03 16.53 -22.48
CA ALA A 224 15.21 17.11 -23.80
C ALA A 224 14.50 16.23 -24.83
N LEU A 225 14.71 14.91 -24.67
CA LEU A 225 14.14 13.96 -25.62
C LEU A 225 12.61 14.09 -25.60
N GLU A 226 12.02 14.30 -24.40
CA GLU A 226 10.58 14.25 -24.23
C GLU A 226 9.90 15.58 -24.64
N THR A 227 10.68 16.66 -24.82
CA THR A 227 10.05 17.97 -24.98
C THR A 227 10.49 18.69 -26.26
N ALA A 228 11.47 18.12 -26.97
CA ALA A 228 12.11 18.81 -28.08
C ALA A 228 11.28 18.72 -29.36
N LEU A 229 10.57 17.61 -29.57
CA LEU A 229 10.10 17.33 -30.92
C LEU A 229 8.59 17.41 -31.04
N TYR A 230 8.15 17.68 -32.28
CA TYR A 230 6.76 17.64 -32.67
C TYR A 230 6.56 16.59 -33.76
N CYS A 231 5.33 16.08 -33.85
CA CYS A 231 4.89 15.15 -34.88
C CYS A 231 4.43 15.88 -36.12
N THR A 232 4.22 17.19 -36.00
CA THR A 232 3.57 17.97 -37.04
C THR A 232 4.57 18.88 -37.74
N HIS A 233 4.18 19.39 -38.93
CA HIS A 233 5.00 20.35 -39.66
C HIS A 233 4.97 21.68 -38.93
N MET A 234 6.04 22.47 -39.11
CA MET A 234 6.21 23.78 -38.51
C MET A 234 4.97 24.68 -38.68
N ASP A 235 4.32 24.60 -39.85
CA ASP A 235 3.29 25.55 -40.25
C ASP A 235 1.91 25.12 -39.74
N ASP A 236 1.89 24.08 -38.89
CA ASP A 236 0.65 23.41 -38.49
C ASP A 236 -0.12 24.31 -37.53
N PRO A 237 -1.40 24.62 -37.85
CA PRO A 237 -2.31 25.32 -36.93
C PRO A 237 -2.45 24.69 -35.55
N SER A 238 -2.53 23.35 -35.50
CA SER A 238 -2.67 22.59 -34.26
C SER A 238 -1.46 21.67 -34.07
N PRO A 239 -0.34 22.15 -33.45
CA PRO A 239 0.82 21.29 -33.21
C PRO A 239 0.56 20.14 -32.24
N ARG A 240 1.26 19.02 -32.45
CA ARG A 240 1.17 17.84 -31.62
C ARG A 240 2.60 17.48 -31.18
N GLU A 241 2.83 17.39 -29.85
CA GLU A 241 4.15 17.04 -29.35
C GLU A 241 4.44 15.58 -29.67
N MET A 242 5.72 15.28 -29.91
CA MET A 242 6.14 13.90 -30.12
C MET A 242 6.44 13.29 -28.77
N ILE A 243 5.41 12.68 -28.18
CA ILE A 243 5.53 12.02 -26.88
C ILE A 243 4.78 10.69 -26.91
N ASN A 244 5.12 9.83 -25.95
CA ASN A 244 4.46 8.53 -25.77
C ASN A 244 4.45 7.74 -27.07
N ASN A 245 5.60 7.71 -27.77
CA ASN A 245 5.67 7.10 -29.10
C ASN A 245 6.18 5.67 -28.96
N PHE A 246 5.46 4.87 -28.15
CA PHE A 246 5.76 3.46 -27.89
C PHE A 246 4.44 2.71 -28.04
N ARG A 247 4.52 1.43 -28.44
CA ARG A 247 3.32 0.61 -28.55
C ARG A 247 3.14 -0.15 -27.22
N GLN A 248 1.88 -0.38 -26.80
CA GLN A 248 1.62 -1.18 -25.61
C GLN A 248 2.12 -2.62 -25.83
N VAL A 249 2.41 -3.35 -24.75
CA VAL A 249 2.85 -4.74 -24.86
C VAL A 249 1.72 -5.61 -25.37
N GLN A 250 2.11 -6.62 -26.13
CA GLN A 250 1.21 -7.55 -26.81
C GLN A 250 1.10 -8.84 -26.00
N LYS A 251 -0.02 -9.55 -26.18
CA LYS A 251 -0.12 -10.89 -25.62
C LYS A 251 0.97 -11.78 -26.22
N PHE A 252 1.39 -12.77 -25.44
CA PHE A 252 2.48 -13.61 -25.91
C PHE A 252 2.06 -14.95 -25.29
N ASP A 253 1.31 -15.77 -26.00
CA ASP A 253 0.81 -16.97 -25.28
C ASP A 253 1.42 -18.25 -25.84
N GLU A 254 1.73 -19.19 -24.95
CA GLU A 254 2.30 -20.51 -25.31
C GLU A 254 3.60 -20.36 -26.12
N ARG A 255 4.32 -19.23 -25.96
CA ARG A 255 5.56 -19.10 -26.71
C ARG A 255 6.65 -18.77 -25.69
N LEU A 256 7.89 -18.64 -26.20
CA LEU A 256 9.09 -18.64 -25.38
C LEU A 256 10.03 -17.50 -25.78
N VAL A 257 10.54 -16.78 -24.77
CA VAL A 257 11.70 -15.91 -24.94
C VAL A 257 12.94 -16.65 -24.46
N TYR A 258 13.97 -16.67 -25.31
CA TYR A 258 15.21 -17.36 -24.99
C TYR A 258 16.24 -16.38 -24.43
N THR A 259 16.99 -16.83 -23.42
CA THR A 259 17.96 -15.99 -22.72
C THR A 259 19.36 -16.57 -22.82
N SER A 260 20.33 -15.67 -22.92
CA SER A 260 21.72 -16.04 -23.11
C SER A 260 22.39 -16.24 -21.75
N PHE A 261 21.59 -16.02 -20.69
CA PHE A 261 22.09 -15.98 -19.32
C PHE A 261 21.09 -16.71 -18.43
N SER A 262 21.49 -16.87 -17.16
CA SER A 262 20.63 -17.34 -16.09
C SER A 262 21.13 -16.82 -14.73
N LYS B 3 -18.35 -10.76 -34.32
CA LYS B 3 -17.55 -11.81 -33.63
C LYS B 3 -16.15 -11.28 -33.29
N TRP B 4 -15.68 -11.64 -32.09
CA TRP B 4 -14.44 -11.14 -31.55
C TRP B 4 -13.96 -12.11 -30.49
N THR B 5 -12.64 -12.13 -30.26
CA THR B 5 -12.04 -13.06 -29.32
C THR B 5 -10.93 -12.31 -28.60
N TYR B 6 -10.17 -13.07 -27.80
CA TYR B 6 -9.01 -12.54 -27.08
C TYR B 6 -7.73 -13.13 -27.69
N PHE B 7 -7.88 -13.93 -28.75
CA PHE B 7 -6.70 -14.60 -29.29
C PHE B 7 -6.85 -14.66 -30.82
N GLY B 8 -5.71 -14.56 -31.51
CA GLY B 8 -5.66 -14.84 -32.93
C GLY B 8 -6.25 -13.71 -33.76
N PRO B 9 -6.77 -13.99 -34.98
CA PRO B 9 -7.08 -12.94 -35.96
C PRO B 9 -8.20 -11.96 -35.58
N ASP B 10 -9.14 -12.40 -34.72
CA ASP B 10 -10.26 -11.55 -34.35
C ASP B 10 -10.03 -11.03 -32.92
N GLY B 11 -8.79 -11.10 -32.50
CA GLY B 11 -8.35 -10.67 -31.17
C GLY B 11 -8.35 -9.16 -31.05
N GLU B 12 -7.84 -8.67 -29.91
CA GLU B 12 -8.11 -7.29 -29.47
C GLU B 12 -7.56 -6.22 -30.42
N ASN B 13 -6.48 -6.48 -31.14
CA ASN B 13 -5.96 -5.43 -32.01
C ASN B 13 -6.88 -5.19 -33.21
N SER B 14 -7.77 -6.16 -33.45
CA SER B 14 -8.71 -6.10 -34.58
C SER B 14 -10.13 -5.74 -34.16
N TRP B 15 -10.36 -5.55 -32.85
CA TRP B 15 -11.70 -5.16 -32.44
C TRP B 15 -12.21 -3.89 -33.13
N SER B 16 -11.37 -2.88 -33.40
CA SER B 16 -11.82 -1.59 -33.90
C SER B 16 -12.37 -1.69 -35.33
N LYS B 17 -12.08 -2.79 -36.01
CA LYS B 17 -12.57 -2.94 -37.38
C LYS B 17 -14.10 -2.89 -37.45
N LYS B 18 -14.77 -3.69 -36.59
CA LYS B 18 -16.22 -3.81 -36.51
C LYS B 18 -16.80 -3.00 -35.35
N TYR B 19 -15.96 -2.61 -34.39
CA TYR B 19 -16.41 -1.91 -33.19
C TYR B 19 -15.54 -0.68 -33.05
N PRO B 20 -15.88 0.42 -33.72
CA PRO B 20 -14.99 1.58 -33.78
C PRO B 20 -14.66 2.27 -32.47
N SER B 21 -15.54 2.18 -31.47
CA SER B 21 -15.20 2.76 -30.17
C SER B 21 -13.98 2.09 -29.55
N CYS B 22 -13.68 0.81 -29.92
CA CYS B 22 -12.51 0.11 -29.40
C CYS B 22 -11.21 0.77 -29.83
N GLY B 23 -11.27 1.64 -30.86
CA GLY B 23 -10.15 2.42 -31.34
C GLY B 23 -10.22 3.88 -30.95
N GLY B 24 -11.16 4.24 -30.07
CA GLY B 24 -11.42 5.63 -29.71
C GLY B 24 -10.67 6.03 -28.43
N LEU B 25 -11.06 7.16 -27.84
CA LEU B 25 -10.39 7.59 -26.62
C LEU B 25 -11.03 6.92 -25.39
N LEU B 26 -10.42 7.19 -24.23
CA LEU B 26 -10.87 6.84 -22.90
C LEU B 26 -10.99 5.31 -22.75
N GLN B 27 -10.07 4.53 -23.32
CA GLN B 27 -10.23 3.08 -23.21
C GLN B 27 -9.71 2.51 -21.89
N SER B 28 -10.33 1.39 -21.48
CA SER B 28 -9.98 0.64 -20.29
C SER B 28 -9.56 -0.78 -20.68
N PRO B 29 -8.78 -1.58 -19.89
CA PRO B 29 -8.29 -1.19 -18.56
C PRO B 29 -6.99 -0.40 -18.66
N ILE B 30 -6.39 -0.02 -17.51
CA ILE B 30 -5.16 0.77 -17.54
C ILE B 30 -4.28 0.26 -16.41
N ASP B 31 -3.04 0.74 -16.43
CA ASP B 31 -2.11 0.39 -15.35
C ASP B 31 -2.18 1.50 -14.32
N LEU B 32 -2.39 1.12 -13.05
CA LEU B 32 -2.47 2.10 -11.99
C LEU B 32 -1.07 2.28 -11.40
N HIS B 33 -0.41 3.40 -11.71
CA HIS B 33 0.93 3.60 -11.17
C HIS B 33 1.10 5.06 -10.78
N SER B 34 2.13 5.33 -9.97
CA SER B 34 2.16 6.53 -9.15
C SER B 34 2.06 7.80 -9.99
N ASP B 35 2.71 7.81 -11.17
CA ASP B 35 2.84 9.01 -11.98
C ASP B 35 1.48 9.56 -12.42
N ILE B 36 0.44 8.70 -12.53
CA ILE B 36 -0.85 9.19 -13.01
C ILE B 36 -1.94 9.12 -11.93
N LEU B 37 -1.54 8.91 -10.67
CA LEU B 37 -2.51 8.90 -9.58
C LEU B 37 -2.51 10.27 -8.87
N GLN B 38 -3.68 10.71 -8.44
CA GLN B 38 -3.78 11.91 -7.64
C GLN B 38 -4.89 11.71 -6.62
N TYR B 39 -4.52 11.95 -5.36
CA TYR B 39 -5.46 11.87 -4.25
C TYR B 39 -6.59 12.90 -4.44
N ASP B 40 -7.82 12.44 -4.17
CA ASP B 40 -8.96 13.32 -4.28
C ASP B 40 -9.84 13.05 -3.08
N ALA B 41 -9.81 13.98 -2.12
CA ALA B 41 -10.54 13.87 -0.88
C ALA B 41 -12.06 13.98 -1.10
N SER B 42 -12.50 14.34 -2.31
CA SER B 42 -13.93 14.37 -2.58
C SER B 42 -14.49 12.98 -2.87
N LEU B 43 -13.63 11.96 -2.96
CA LEU B 43 -14.07 10.58 -3.19
C LEU B 43 -14.45 9.93 -1.86
N THR B 44 -15.73 10.07 -1.54
CA THR B 44 -16.31 9.57 -0.30
C THR B 44 -16.75 8.11 -0.49
N PRO B 45 -17.08 7.38 0.60
CA PRO B 45 -17.42 5.96 0.48
C PRO B 45 -18.74 5.70 -0.26
N LEU B 46 -18.77 4.59 -1.03
CA LEU B 46 -20.01 4.16 -1.64
C LEU B 46 -20.76 3.32 -0.62
N GLU B 47 -22.10 3.29 -0.75
CA GLU B 47 -22.86 2.30 0.00
C GLU B 47 -23.55 1.36 -0.98
N PHE B 48 -23.62 0.10 -0.57
CA PHE B 48 -24.14 -0.95 -1.43
C PHE B 48 -25.50 -1.37 -0.89
N GLN B 49 -26.56 -1.17 -1.69
CA GLN B 49 -27.93 -1.34 -1.23
C GLN B 49 -28.56 -2.52 -1.97
N GLY B 50 -29.22 -3.42 -1.25
CA GLY B 50 -29.96 -4.43 -2.01
C GLY B 50 -29.08 -5.57 -2.52
N TYR B 51 -27.85 -5.66 -1.99
CA TYR B 51 -26.82 -6.61 -2.42
C TYR B 51 -27.05 -8.00 -1.84
N ASN B 52 -27.84 -8.08 -0.76
CA ASN B 52 -28.15 -9.36 -0.12
C ASN B 52 -29.35 -10.00 -0.82
N LEU B 53 -29.06 -10.76 -1.88
CA LEU B 53 -30.13 -11.33 -2.71
C LEU B 53 -30.72 -12.54 -2.03
N SER B 54 -32.05 -12.69 -2.13
CA SER B 54 -32.77 -13.76 -1.46
C SER B 54 -32.33 -15.12 -1.99
N ALA B 55 -31.97 -16.01 -1.06
CA ALA B 55 -31.66 -17.40 -1.39
C ALA B 55 -32.85 -18.14 -2.00
N ASN B 56 -34.06 -17.59 -1.85
CA ASN B 56 -35.24 -18.24 -2.40
C ASN B 56 -35.58 -17.70 -3.78
N LYS B 57 -34.76 -16.78 -4.31
CA LYS B 57 -34.97 -16.34 -5.68
C LYS B 57 -33.82 -16.88 -6.52
N GLN B 58 -34.04 -16.96 -7.84
CA GLN B 58 -33.02 -17.48 -8.74
C GLN B 58 -32.51 -16.39 -9.67
N PHE B 59 -31.22 -16.50 -10.04
CA PHE B 59 -30.50 -15.56 -10.90
C PHE B 59 -29.76 -16.33 -11.97
N LEU B 60 -29.80 -15.83 -13.23
CA LEU B 60 -29.28 -16.66 -14.33
C LEU B 60 -27.76 -16.52 -14.48
N LEU B 61 -27.06 -17.66 -14.46
CA LEU B 61 -25.63 -17.70 -14.69
C LEU B 61 -25.43 -18.19 -16.13
N THR B 62 -24.57 -17.51 -16.90
CA THR B 62 -24.50 -17.81 -18.33
C THR B 62 -23.03 -17.80 -18.75
N ASN B 63 -22.66 -18.74 -19.63
CA ASN B 63 -21.40 -18.63 -20.39
C ASN B 63 -21.72 -17.98 -21.73
N ASN B 64 -21.21 -16.75 -21.93
CA ASN B 64 -21.55 -16.04 -23.14
C ASN B 64 -20.43 -16.19 -24.15
N GLY B 65 -19.48 -17.10 -23.88
CA GLY B 65 -18.40 -17.32 -24.82
C GLY B 65 -17.19 -16.44 -24.54
N HIS B 66 -17.35 -15.46 -23.64
CA HIS B 66 -16.26 -14.53 -23.37
C HIS B 66 -15.94 -14.47 -21.87
N SER B 67 -16.92 -14.78 -21.04
CA SER B 67 -16.80 -14.79 -19.59
C SER B 67 -17.92 -15.67 -19.03
N VAL B 68 -17.95 -15.79 -17.72
CA VAL B 68 -19.11 -16.35 -17.04
C VAL B 68 -19.77 -15.17 -16.36
N LYS B 69 -21.09 -15.01 -16.55
CA LYS B 69 -21.77 -13.82 -16.08
C LYS B 69 -22.99 -14.25 -15.28
N LEU B 70 -23.24 -13.50 -14.20
CA LEU B 70 -24.45 -13.68 -13.38
C LEU B 70 -25.33 -12.44 -13.56
N ASN B 71 -26.57 -12.68 -13.99
CA ASN B 71 -27.57 -11.62 -14.15
C ASN B 71 -27.99 -11.10 -12.78
N LEU B 72 -28.02 -9.76 -12.61
CA LEU B 72 -28.33 -9.17 -11.31
C LEU B 72 -29.59 -8.33 -11.42
N PRO B 73 -30.39 -8.22 -10.34
CA PRO B 73 -31.61 -7.41 -10.38
C PRO B 73 -31.34 -5.92 -10.22
N SER B 74 -32.23 -5.07 -10.76
CA SER B 74 -32.11 -3.62 -10.72
C SER B 74 -32.40 -3.03 -9.33
N ASP B 75 -32.88 -3.86 -8.40
CA ASP B 75 -33.02 -3.43 -7.01
C ASP B 75 -31.72 -3.49 -6.17
N MET B 76 -30.61 -3.95 -6.76
CA MET B 76 -29.29 -3.75 -6.19
C MET B 76 -28.77 -2.40 -6.70
N HIS B 77 -28.39 -1.50 -5.77
CA HIS B 77 -27.97 -0.16 -6.20
C HIS B 77 -26.65 0.21 -5.54
N ILE B 78 -25.88 1.06 -6.24
CA ILE B 78 -24.86 1.88 -5.58
C ILE B 78 -25.44 3.25 -5.24
N GLN B 79 -25.13 3.70 -4.01
CA GLN B 79 -25.40 5.07 -3.58
C GLN B 79 -24.09 5.78 -3.26
N GLY B 80 -23.97 7.02 -3.74
CA GLY B 80 -22.80 7.85 -3.47
C GLY B 80 -22.31 8.57 -4.71
N LEU B 81 -22.66 8.06 -5.89
CA LEU B 81 -22.33 8.79 -7.10
C LEU B 81 -23.38 9.88 -7.25
N GLN B 82 -23.21 10.72 -8.27
CA GLN B 82 -24.13 11.81 -8.56
C GLN B 82 -25.56 11.27 -8.69
N SER B 83 -25.74 10.21 -9.49
CA SER B 83 -27.03 9.56 -9.62
C SER B 83 -26.98 8.21 -8.93
N ARG B 84 -28.15 7.60 -8.74
CA ARG B 84 -28.15 6.21 -8.27
C ARG B 84 -27.92 5.29 -9.46
N TYR B 85 -27.04 4.29 -9.30
CA TYR B 85 -26.82 3.29 -10.35
C TYR B 85 -27.35 1.95 -9.84
N SER B 86 -27.98 1.19 -10.74
CA SER B 86 -28.51 -0.12 -10.37
C SER B 86 -27.75 -1.23 -11.09
N ALA B 87 -27.68 -2.40 -10.45
CA ALA B 87 -26.89 -3.51 -11.01
C ALA B 87 -27.56 -4.12 -12.23
N THR B 88 -26.75 -4.64 -13.16
CA THR B 88 -27.26 -5.42 -14.28
C THR B 88 -26.63 -6.81 -14.30
N GLN B 89 -25.32 -6.90 -14.08
CA GLN B 89 -24.68 -8.22 -14.11
C GLN B 89 -23.29 -8.15 -13.49
N LEU B 90 -22.73 -9.30 -13.15
CA LEU B 90 -21.31 -9.34 -12.81
C LEU B 90 -20.66 -10.43 -13.65
N HIS B 91 -19.33 -10.36 -13.82
CA HIS B 91 -18.60 -11.37 -14.57
C HIS B 91 -17.13 -11.29 -14.15
N LEU B 92 -16.32 -12.19 -14.72
CA LEU B 92 -14.92 -12.27 -14.30
C LEU B 92 -13.97 -12.30 -15.49
N HIS B 93 -12.69 -12.01 -15.15
CA HIS B 93 -11.60 -12.09 -16.12
C HIS B 93 -10.45 -12.84 -15.41
N TRP B 94 -9.75 -13.67 -16.17
CA TRP B 94 -8.69 -14.47 -15.56
C TRP B 94 -7.63 -14.85 -16.60
N GLY B 95 -6.58 -15.49 -16.12
CA GLY B 95 -5.45 -15.93 -16.94
C GLY B 95 -5.53 -17.44 -17.25
N ASN B 96 -4.51 -18.19 -16.85
CA ASN B 96 -4.50 -19.62 -17.21
C ASN B 96 -3.62 -20.34 -16.19
N PRO B 97 -3.79 -21.68 -16.02
CA PRO B 97 -3.11 -22.42 -14.94
C PRO B 97 -1.60 -22.23 -14.86
N ASN B 98 -0.96 -21.97 -15.99
CA ASN B 98 0.50 -21.83 -16.08
C ASN B 98 0.92 -20.35 -16.07
N ASP B 99 -0.04 -19.43 -16.07
CA ASP B 99 0.21 -17.99 -16.00
C ASP B 99 -0.99 -17.36 -15.30
N PRO B 100 -1.08 -17.54 -13.97
CA PRO B 100 -2.31 -17.26 -13.23
C PRO B 100 -2.37 -15.79 -12.83
N HIS B 101 -2.26 -14.93 -13.84
CA HIS B 101 -2.14 -13.49 -13.63
C HIS B 101 -3.01 -12.79 -14.66
N GLY B 102 -4.34 -12.87 -14.55
CA GLY B 102 -5.18 -12.37 -15.63
C GLY B 102 -6.22 -11.31 -15.19
N SER B 103 -5.88 -10.48 -14.19
CA SER B 103 -6.68 -9.28 -13.97
C SER B 103 -6.53 -8.33 -15.17
N GLU B 104 -7.53 -7.45 -15.34
CA GLU B 104 -7.45 -6.48 -16.44
C GLU B 104 -6.67 -5.24 -15.99
N HIS B 105 -7.07 -4.65 -14.86
CA HIS B 105 -6.24 -3.56 -14.34
C HIS B 105 -4.97 -4.16 -13.74
N THR B 106 -3.87 -3.39 -13.78
CA THR B 106 -2.63 -3.77 -13.13
C THR B 106 -2.27 -2.67 -12.15
N VAL B 107 -1.43 -3.00 -11.17
CA VAL B 107 -0.99 -2.00 -10.21
C VAL B 107 0.52 -2.04 -10.26
N SER B 108 1.11 -0.87 -10.56
CA SER B 108 2.56 -0.74 -10.73
C SER B 108 3.10 -1.83 -11.64
N GLY B 109 2.38 -2.05 -12.75
CA GLY B 109 2.79 -3.02 -13.76
C GLY B 109 2.55 -4.50 -13.39
N GLN B 110 1.86 -4.80 -12.28
CA GLN B 110 1.71 -6.20 -11.91
C GLN B 110 0.23 -6.57 -12.02
N HIS B 111 -0.04 -7.73 -12.62
CA HIS B 111 -1.41 -8.22 -12.65
C HIS B 111 -1.73 -8.93 -11.35
N PHE B 112 -3.00 -8.87 -10.95
CA PHE B 112 -3.51 -9.84 -9.97
C PHE B 112 -3.97 -11.13 -10.65
N ALA B 113 -4.38 -12.14 -9.86
CA ALA B 113 -4.76 -13.44 -10.43
C ALA B 113 -5.99 -13.35 -11.33
N ALA B 114 -6.99 -12.55 -10.91
CA ALA B 114 -8.23 -12.44 -11.66
C ALA B 114 -8.89 -11.13 -11.26
N GLU B 115 -10.02 -10.81 -11.91
CA GLU B 115 -10.74 -9.57 -11.61
C GLU B 115 -12.23 -9.83 -11.69
N LEU B 116 -12.98 -9.30 -10.72
CA LEU B 116 -14.43 -9.34 -10.82
C LEU B 116 -14.96 -7.96 -11.20
N HIS B 117 -15.94 -7.91 -12.11
CA HIS B 117 -16.58 -6.66 -12.51
C HIS B 117 -18.06 -6.75 -12.18
N ILE B 118 -18.57 -5.75 -11.44
CA ILE B 118 -20.00 -5.70 -11.16
C ILE B 118 -20.54 -4.45 -11.87
N VAL B 119 -21.32 -4.68 -12.94
CA VAL B 119 -21.73 -3.63 -13.86
C VAL B 119 -23.05 -3.02 -13.40
N HIS B 120 -23.10 -1.67 -13.36
CA HIS B 120 -24.31 -0.93 -12.98
C HIS B 120 -24.61 0.12 -14.06
N TYR B 121 -25.86 0.61 -14.06
CA TYR B 121 -26.29 1.61 -15.01
C TYR B 121 -27.07 2.71 -14.30
N ASN B 122 -27.08 3.93 -14.89
CA ASN B 122 -27.72 5.09 -14.28
C ASN B 122 -29.23 4.91 -14.40
N SER B 123 -29.85 4.43 -13.32
CA SER B 123 -31.27 4.08 -13.33
C SER B 123 -32.14 5.31 -13.01
N ASP B 124 -31.52 6.39 -12.52
CA ASP B 124 -32.18 7.68 -12.39
C ASP B 124 -32.59 8.21 -13.76
N LEU B 125 -31.77 7.95 -14.77
CA LEU B 125 -31.95 8.56 -16.08
C LEU B 125 -32.46 7.58 -17.13
N TYR B 126 -32.07 6.31 -17.04
CA TYR B 126 -32.27 5.39 -18.16
C TYR B 126 -33.06 4.19 -17.70
N PRO B 127 -33.82 3.52 -18.61
CA PRO B 127 -34.67 2.40 -18.22
C PRO B 127 -33.92 1.09 -17.98
N ASP B 128 -32.79 0.92 -18.68
CA ASP B 128 -32.03 -0.32 -18.61
C ASP B 128 -30.58 -0.04 -19.02
N ALA B 129 -29.73 -1.04 -18.83
CA ALA B 129 -28.30 -0.93 -19.06
C ALA B 129 -27.99 -0.84 -20.56
N SER B 130 -28.80 -1.50 -21.37
CA SER B 130 -28.58 -1.44 -22.80
C SER B 130 -28.66 0.00 -23.29
N THR B 131 -29.69 0.71 -22.86
CA THR B 131 -29.84 2.12 -23.19
C THR B 131 -28.73 2.95 -22.57
N ALA B 132 -28.47 2.74 -21.26
CA ALA B 132 -27.48 3.54 -20.55
C ALA B 132 -26.09 3.43 -21.19
N SER B 133 -25.84 2.28 -21.84
CA SER B 133 -24.47 1.93 -22.23
C SER B 133 -23.99 2.88 -23.32
N ASN B 134 -24.97 3.58 -23.94
CA ASN B 134 -24.69 4.46 -25.06
C ASN B 134 -24.43 5.89 -24.58
N LYS B 135 -24.69 6.19 -23.32
CA LYS B 135 -24.76 7.56 -22.85
C LYS B 135 -23.58 7.93 -21.95
N SER B 136 -23.27 9.23 -21.89
CA SER B 136 -22.16 9.72 -21.09
C SER B 136 -22.36 9.38 -19.61
N GLU B 137 -21.34 8.76 -18.97
CA GLU B 137 -21.44 8.26 -17.60
C GLU B 137 -22.71 7.41 -17.39
N GLY B 138 -23.08 6.65 -18.43
CA GLY B 138 -24.26 5.78 -18.37
C GLY B 138 -24.06 4.56 -17.47
N LEU B 139 -22.78 4.14 -17.33
CA LEU B 139 -22.46 2.89 -16.60
C LEU B 139 -21.53 3.19 -15.45
N ALA B 140 -21.64 2.41 -14.35
CA ALA B 140 -20.56 2.43 -13.38
C ALA B 140 -20.19 0.97 -13.07
N VAL B 141 -18.90 0.67 -13.09
CA VAL B 141 -18.42 -0.70 -12.86
C VAL B 141 -17.55 -0.68 -11.61
N LEU B 142 -17.78 -1.66 -10.72
CA LEU B 142 -16.92 -1.91 -9.58
C LEU B 142 -15.99 -3.04 -9.96
N ALA B 143 -14.69 -2.85 -9.74
CA ALA B 143 -13.68 -3.84 -10.03
C ALA B 143 -13.05 -4.30 -8.72
N VAL B 144 -13.03 -5.65 -8.53
CA VAL B 144 -12.39 -6.30 -7.40
C VAL B 144 -11.24 -7.14 -7.91
N LEU B 145 -10.05 -6.85 -7.38
CA LEU B 145 -8.84 -7.56 -7.78
C LEU B 145 -8.77 -8.80 -6.92
N ILE B 146 -8.38 -9.93 -7.54
CA ILE B 146 -8.43 -11.23 -6.85
C ILE B 146 -7.02 -11.80 -6.74
N GLU B 147 -6.62 -12.22 -5.53
CA GLU B 147 -5.35 -12.94 -5.45
C GLU B 147 -5.53 -14.32 -4.81
N MET B 148 -4.51 -15.19 -4.91
CA MET B 148 -4.52 -16.47 -4.20
C MET B 148 -4.30 -16.30 -2.70
N GLY B 149 -5.03 -17.10 -1.93
CA GLY B 149 -5.07 -16.97 -0.48
C GLY B 149 -5.94 -18.08 0.13
N SER B 150 -6.69 -17.73 1.16
CA SER B 150 -7.60 -18.67 1.81
C SER B 150 -8.82 -18.90 0.93
N PHE B 151 -9.41 -20.09 1.07
CA PHE B 151 -10.72 -20.42 0.53
C PHE B 151 -11.72 -19.32 0.92
N ASN B 152 -12.51 -18.89 -0.07
CA ASN B 152 -13.51 -17.84 0.03
C ASN B 152 -14.90 -18.45 -0.23
N PRO B 153 -15.68 -18.70 0.85
CA PRO B 153 -17.03 -19.28 0.71
C PRO B 153 -17.96 -18.52 -0.21
N SER B 154 -17.87 -17.19 -0.20
CA SER B 154 -18.76 -16.36 -1.01
C SER B 154 -18.50 -16.53 -2.50
N TYR B 155 -17.22 -16.53 -2.91
CA TYR B 155 -16.90 -16.80 -4.31
C TYR B 155 -17.34 -18.20 -4.74
N ASP B 156 -17.41 -19.16 -3.80
CA ASP B 156 -17.79 -20.50 -4.23
C ASP B 156 -19.27 -20.53 -4.56
N LYS B 157 -20.01 -19.49 -4.18
CA LYS B 157 -21.43 -19.44 -4.54
C LYS B 157 -21.60 -19.16 -6.03
N ILE B 158 -20.48 -18.84 -6.68
CA ILE B 158 -20.41 -18.81 -8.15
C ILE B 158 -19.65 -20.04 -8.65
N PHE B 159 -18.43 -20.25 -8.14
CA PHE B 159 -17.52 -21.21 -8.74
C PHE B 159 -18.08 -22.64 -8.67
N SER B 160 -18.83 -22.97 -7.62
CA SER B 160 -19.34 -24.33 -7.47
C SER B 160 -20.35 -24.66 -8.57
N HIS B 161 -20.82 -23.66 -9.34
CA HIS B 161 -21.82 -23.85 -10.40
C HIS B 161 -21.24 -23.86 -11.82
N LEU B 162 -19.94 -23.64 -11.97
CA LEU B 162 -19.36 -23.53 -13.30
C LEU B 162 -19.58 -24.78 -14.13
N GLN B 163 -19.67 -25.93 -13.46
CA GLN B 163 -19.82 -27.18 -14.20
C GLN B 163 -21.07 -27.09 -15.07
N HIS B 164 -22.03 -26.25 -14.69
CA HIS B 164 -23.27 -26.28 -15.46
C HIS B 164 -23.23 -25.40 -16.69
N VAL B 165 -22.20 -24.54 -16.79
CA VAL B 165 -22.15 -23.57 -17.90
C VAL B 165 -20.80 -23.71 -18.61
N LYS B 166 -20.37 -24.96 -18.81
CA LYS B 166 -19.08 -25.26 -19.38
C LYS B 166 -18.92 -24.64 -20.76
N TYR B 167 -19.99 -24.65 -21.58
CA TYR B 167 -19.86 -24.24 -22.98
C TYR B 167 -20.64 -22.97 -23.29
N LYS B 168 -20.22 -22.29 -24.37
CA LYS B 168 -20.87 -21.06 -24.81
C LYS B 168 -22.35 -21.35 -25.04
N GLY B 169 -23.20 -20.50 -24.46
CA GLY B 169 -24.63 -20.47 -24.62
C GLY B 169 -25.35 -21.28 -23.53
N GLN B 170 -24.58 -21.98 -22.68
CA GLN B 170 -25.17 -22.72 -21.58
C GLN B 170 -25.50 -21.78 -20.42
N GLU B 171 -26.65 -22.07 -19.77
CA GLU B 171 -27.12 -21.22 -18.71
C GLU B 171 -27.73 -22.09 -17.63
N ALA B 172 -27.67 -21.59 -16.38
CA ALA B 172 -28.30 -22.29 -15.27
C ALA B 172 -28.71 -21.24 -14.25
N PHE B 173 -29.92 -21.43 -13.70
CA PHE B 173 -30.36 -20.60 -12.60
C PHE B 173 -29.67 -21.05 -11.30
N VAL B 174 -29.17 -20.08 -10.53
CA VAL B 174 -28.57 -20.33 -9.25
C VAL B 174 -29.25 -19.48 -8.18
N PRO B 175 -29.27 -19.92 -6.90
CA PRO B 175 -29.90 -19.12 -5.84
C PRO B 175 -29.13 -17.84 -5.46
N GLY B 176 -29.89 -16.85 -4.99
CA GLY B 176 -29.31 -15.59 -4.51
C GLY B 176 -28.40 -15.83 -3.31
N PHE B 177 -27.43 -14.92 -3.13
CA PHE B 177 -26.51 -14.89 -2.00
C PHE B 177 -26.11 -13.45 -1.80
N ASN B 178 -25.39 -13.15 -0.70
CA ASN B 178 -24.98 -11.78 -0.41
C ASN B 178 -23.81 -11.38 -1.30
N ILE B 179 -24.06 -10.52 -2.30
CA ILE B 179 -23.03 -10.09 -3.27
C ILE B 179 -22.03 -9.18 -2.56
N GLU B 180 -22.47 -8.56 -1.46
CA GLU B 180 -21.52 -7.75 -0.70
C GLU B 180 -20.33 -8.57 -0.19
N GLU B 181 -20.48 -9.90 -0.09
CA GLU B 181 -19.45 -10.79 0.43
C GLU B 181 -18.32 -10.95 -0.60
N LEU B 182 -18.58 -10.58 -1.87
CA LEU B 182 -17.53 -10.65 -2.90
C LEU B 182 -16.65 -9.39 -2.88
N LEU B 183 -17.07 -8.33 -2.15
CA LEU B 183 -16.30 -7.08 -2.08
C LEU B 183 -15.17 -7.24 -1.07
N PRO B 184 -14.04 -6.51 -1.27
CA PRO B 184 -12.91 -6.61 -0.36
C PRO B 184 -13.19 -5.84 0.92
N GLU B 185 -12.29 -6.03 1.89
CA GLU B 185 -12.24 -5.09 2.99
C GLU B 185 -11.93 -3.67 2.52
N ARG B 186 -12.42 -2.73 3.33
CA ARG B 186 -12.15 -1.30 3.22
C ARG B 186 -12.52 -0.78 1.83
N THR B 187 -13.80 -0.93 1.49
CA THR B 187 -14.26 -0.47 0.19
C THR B 187 -14.17 1.04 0.08
N ALA B 188 -13.93 1.76 1.18
CA ALA B 188 -13.73 3.20 1.12
C ALA B 188 -12.44 3.58 0.37
N GLU B 189 -11.55 2.60 0.16
CA GLU B 189 -10.28 2.86 -0.51
C GLU B 189 -10.35 2.38 -1.96
N TYR B 190 -10.26 3.32 -2.92
CA TYR B 190 -10.47 2.94 -4.32
C TYR B 190 -9.83 3.94 -5.24
N TYR B 191 -9.62 3.47 -6.47
CA TYR B 191 -9.21 4.29 -7.59
C TYR B 191 -10.46 4.59 -8.42
N ARG B 192 -10.55 5.80 -8.96
CA ARG B 192 -11.69 6.25 -9.76
C ARG B 192 -11.19 6.91 -11.04
N TYR B 193 -11.74 6.50 -12.19
CA TYR B 193 -11.42 7.18 -13.43
C TYR B 193 -12.54 6.99 -14.46
N ARG B 194 -12.50 7.86 -15.49
CA ARG B 194 -13.43 7.76 -16.62
C ARG B 194 -12.83 6.83 -17.65
N GLY B 195 -13.58 5.81 -18.03
CA GLY B 195 -13.08 4.89 -19.03
C GLY B 195 -14.17 4.22 -19.84
N SER B 196 -13.94 2.93 -20.16
CA SER B 196 -14.76 2.29 -21.20
C SER B 196 -15.13 0.88 -20.74
N LEU B 197 -16.06 0.27 -21.47
CA LEU B 197 -16.17 -1.18 -21.47
C LEU B 197 -14.84 -1.78 -21.92
N THR B 198 -14.43 -2.92 -21.34
CA THR B 198 -13.14 -3.51 -21.71
C THR B 198 -13.37 -4.61 -22.76
N THR B 199 -14.62 -4.75 -23.21
CA THR B 199 -14.93 -5.66 -24.29
C THR B 199 -15.72 -4.89 -25.35
N PRO B 200 -15.76 -5.37 -26.60
CA PRO B 200 -16.60 -4.72 -27.61
C PRO B 200 -18.01 -4.61 -27.04
N PRO B 201 -18.76 -3.50 -27.27
CA PRO B 201 -18.34 -2.42 -28.17
C PRO B 201 -17.38 -1.35 -27.66
N CYS B 202 -16.84 -1.55 -26.44
CA CYS B 202 -15.83 -0.67 -25.87
C CYS B 202 -16.33 0.78 -25.73
N ASN B 203 -17.62 0.96 -25.42
CA ASN B 203 -18.19 2.31 -25.35
C ASN B 203 -17.54 3.11 -24.20
N PRO B 204 -17.11 4.39 -24.43
CA PRO B 204 -16.40 5.14 -23.39
C PRO B 204 -17.39 5.81 -22.44
N THR B 205 -18.18 4.99 -21.75
CA THR B 205 -19.34 5.46 -21.00
C THR B 205 -19.28 4.97 -19.54
N VAL B 206 -18.11 4.52 -19.09
CA VAL B 206 -17.99 3.87 -17.78
C VAL B 206 -17.28 4.76 -16.76
N LEU B 207 -17.93 4.94 -15.60
CA LEU B 207 -17.26 5.46 -14.42
C LEU B 207 -16.68 4.26 -13.66
N TRP B 208 -15.34 4.14 -13.62
CA TRP B 208 -14.67 3.00 -12.98
C TRP B 208 -14.38 3.27 -11.51
N THR B 209 -14.61 2.25 -10.68
CA THR B 209 -14.16 2.24 -9.31
C THR B 209 -13.42 0.92 -9.10
N VAL B 210 -12.12 1.00 -8.91
CA VAL B 210 -11.33 -0.20 -8.68
C VAL B 210 -10.93 -0.22 -7.22
N PHE B 211 -11.31 -1.25 -6.44
CA PHE B 211 -10.99 -1.20 -5.01
C PHE B 211 -9.49 -1.39 -4.81
N ARG B 212 -8.88 -0.69 -3.82
CA ARG B 212 -7.44 -0.81 -3.58
C ARG B 212 -7.05 -2.20 -3.08
N ASN B 213 -7.88 -2.82 -2.24
CA ASN B 213 -7.49 -4.02 -1.53
C ASN B 213 -8.06 -5.23 -2.25
N PRO B 214 -7.26 -6.28 -2.57
CA PRO B 214 -7.76 -7.47 -3.25
C PRO B 214 -8.55 -8.34 -2.29
N VAL B 215 -9.39 -9.26 -2.82
CA VAL B 215 -9.93 -10.40 -2.04
C VAL B 215 -9.05 -11.62 -2.32
N GLN B 216 -9.17 -12.65 -1.46
N GLN B 216 -9.20 -12.65 -1.48
CA GLN B 216 -8.41 -13.87 -1.62
CA GLN B 216 -8.42 -13.87 -1.62
C GLN B 216 -9.37 -15.01 -1.95
C GLN B 216 -9.37 -15.02 -1.93
N ILE B 217 -8.95 -15.89 -2.85
CA ILE B 217 -9.62 -17.15 -3.12
C ILE B 217 -8.54 -18.22 -3.10
N SER B 218 -8.93 -19.49 -2.93
CA SER B 218 -7.86 -20.49 -2.79
C SER B 218 -7.31 -20.85 -4.17
N GLN B 219 -6.12 -21.49 -4.21
CA GLN B 219 -5.58 -22.01 -5.45
C GLN B 219 -6.57 -22.97 -6.09
N GLU B 220 -7.33 -23.73 -5.31
CA GLU B 220 -8.27 -24.70 -5.92
C GLU B 220 -9.41 -23.95 -6.60
N GLN B 221 -9.84 -22.86 -5.96
CA GLN B 221 -10.91 -22.03 -6.53
C GLN B 221 -10.47 -21.42 -7.86
N LEU B 222 -9.29 -20.83 -7.87
CA LEU B 222 -8.73 -20.19 -9.06
C LEU B 222 -8.54 -21.19 -10.19
N LEU B 223 -8.01 -22.39 -9.86
CA LEU B 223 -7.85 -23.40 -10.88
C LEU B 223 -9.19 -23.81 -11.48
N ALA B 224 -10.23 -23.90 -10.64
CA ALA B 224 -11.57 -24.25 -11.12
C ALA B 224 -12.04 -23.22 -12.15
N LEU B 225 -11.87 -21.93 -11.80
CA LEU B 225 -12.26 -20.83 -12.67
C LEU B 225 -11.51 -20.90 -14.01
N GLU B 226 -10.20 -21.19 -13.93
CA GLU B 226 -9.29 -21.19 -15.08
C GLU B 226 -9.44 -22.42 -15.96
N THR B 227 -10.08 -23.49 -15.43
CA THR B 227 -10.13 -24.76 -16.16
C THR B 227 -11.54 -25.26 -16.49
N ALA B 228 -12.59 -24.68 -15.89
CA ALA B 228 -13.94 -25.20 -16.09
C ALA B 228 -14.62 -24.84 -17.41
N LEU B 229 -14.22 -23.74 -18.08
CA LEU B 229 -15.09 -23.17 -19.13
C LEU B 229 -14.43 -23.19 -20.50
N TYR B 230 -15.27 -23.27 -21.55
CA TYR B 230 -14.83 -23.15 -22.94
C TYR B 230 -15.50 -21.95 -23.59
N CYS B 231 -14.78 -21.31 -24.53
CA CYS B 231 -15.26 -20.14 -25.27
C CYS B 231 -16.19 -20.53 -26.39
N THR B 232 -16.27 -21.84 -26.66
CA THR B 232 -16.91 -22.36 -27.86
C THR B 232 -18.16 -23.16 -27.48
N HIS B 233 -19.11 -23.25 -28.42
N HIS B 233 -19.11 -23.26 -28.41
CA HIS B 233 -20.31 -24.08 -28.33
CA HIS B 233 -20.32 -24.05 -28.26
C HIS B 233 -19.94 -25.53 -28.05
C HIS B 233 -19.96 -25.53 -28.06
N MET B 234 -20.85 -26.27 -27.39
CA MET B 234 -20.62 -27.68 -27.08
C MET B 234 -20.26 -28.48 -28.34
N ASP B 235 -20.82 -28.10 -29.50
CA ASP B 235 -20.63 -28.90 -30.71
C ASP B 235 -19.65 -28.26 -31.69
N ASP B 236 -18.96 -27.21 -31.24
CA ASP B 236 -17.98 -26.54 -32.09
C ASP B 236 -16.86 -27.53 -32.42
N PRO B 237 -16.46 -27.65 -33.72
CA PRO B 237 -15.37 -28.56 -34.08
C PRO B 237 -13.97 -28.10 -33.70
N SER B 238 -13.84 -26.83 -33.26
CA SER B 238 -12.54 -26.37 -32.81
C SER B 238 -12.66 -25.81 -31.38
N PRO B 239 -12.87 -26.67 -30.36
CA PRO B 239 -13.07 -26.21 -28.98
C PRO B 239 -11.88 -25.37 -28.52
N ARG B 240 -12.18 -24.28 -27.78
CA ARG B 240 -11.17 -23.39 -27.24
C ARG B 240 -11.47 -23.23 -25.74
N GLU B 241 -10.48 -23.50 -24.87
CA GLU B 241 -10.66 -23.21 -23.45
C GLU B 241 -10.88 -21.70 -23.22
N MET B 242 -11.66 -21.35 -22.19
CA MET B 242 -11.87 -19.94 -21.87
C MET B 242 -10.77 -19.53 -20.89
N ILE B 243 -9.66 -19.01 -21.43
CA ILE B 243 -8.50 -18.58 -20.63
C ILE B 243 -8.03 -17.22 -21.17
N ASN B 244 -7.31 -16.46 -20.35
CA ASN B 244 -6.67 -15.22 -20.75
C ASN B 244 -7.72 -14.27 -21.34
N ASN B 245 -8.88 -14.24 -20.69
CA ASN B 245 -9.95 -13.44 -21.24
C ASN B 245 -9.87 -12.01 -20.69
N PHE B 246 -8.73 -11.34 -20.85
CA PHE B 246 -8.56 -9.97 -20.35
C PHE B 246 -7.98 -9.16 -21.50
N ARG B 247 -8.33 -7.85 -21.55
CA ARG B 247 -7.72 -6.96 -22.52
C ARG B 247 -6.41 -6.41 -21.96
N GLN B 248 -5.43 -6.14 -22.85
CA GLN B 248 -4.20 -5.47 -22.42
C GLN B 248 -4.51 -4.05 -21.96
N VAL B 249 -3.65 -3.50 -21.11
CA VAL B 249 -3.84 -2.13 -20.62
C VAL B 249 -3.70 -1.16 -21.79
N GLN B 250 -4.36 -0.01 -21.64
CA GLN B 250 -4.47 0.97 -22.71
C GLN B 250 -3.64 2.22 -22.33
N LYS B 251 -3.32 3.03 -23.33
CA LYS B 251 -2.65 4.32 -23.08
C LYS B 251 -3.57 5.22 -22.24
N PHE B 252 -2.95 6.10 -21.41
CA PHE B 252 -3.66 7.06 -20.56
C PHE B 252 -4.48 8.12 -21.30
N ASP B 253 -4.02 8.62 -22.47
CA ASP B 253 -4.73 9.66 -23.20
C ASP B 253 -4.94 10.92 -22.33
N GLU B 254 -3.92 11.27 -21.51
CA GLU B 254 -3.88 12.50 -20.74
C GLU B 254 -4.69 12.41 -19.44
N ARG B 255 -5.40 11.28 -19.23
CA ARG B 255 -6.23 11.08 -18.04
C ARG B 255 -5.34 10.95 -16.80
N LEU B 256 -5.90 11.37 -15.63
CA LEU B 256 -5.41 11.02 -14.31
C LEU B 256 -6.40 10.04 -13.65
N VAL B 257 -5.88 9.20 -12.77
CA VAL B 257 -6.72 8.35 -11.94
C VAL B 257 -6.75 9.02 -10.57
N TYR B 258 -7.94 9.18 -10.00
CA TYR B 258 -8.10 9.84 -8.71
C TYR B 258 -8.26 8.75 -7.65
N THR B 259 -7.65 8.95 -6.48
CA THR B 259 -7.66 7.92 -5.45
C THR B 259 -8.28 8.48 -4.17
N SER B 260 -8.99 7.63 -3.45
CA SER B 260 -9.62 8.10 -2.21
C SER B 260 -8.63 7.96 -1.04
N PHE B 261 -7.38 7.65 -1.36
CA PHE B 261 -6.34 7.45 -0.38
C PHE B 261 -5.05 8.06 -0.93
N SER B 262 -4.14 8.44 -0.03
CA SER B 262 -2.81 8.88 -0.38
C SER B 262 -1.85 7.74 -0.05
N GLN B 263 -1.64 6.79 -1.01
CA GLN B 263 -0.56 5.80 -1.10
C GLN B 263 -1.02 4.34 -1.33
N LYS C 3 -2.47 18.16 5.61
CA LYS C 3 -1.18 17.78 6.24
C LYS C 3 -1.45 17.32 7.68
N TRP C 4 -0.81 16.20 8.04
CA TRP C 4 -1.03 15.42 9.24
C TRP C 4 -0.20 16.02 10.37
N THR C 5 -0.52 15.66 11.63
CA THR C 5 0.22 16.15 12.76
C THR C 5 0.29 15.05 13.81
N TYR C 6 1.01 15.34 14.90
CA TYR C 6 1.08 14.46 16.05
C TYR C 6 0.13 14.96 17.14
N PHE C 7 -0.63 16.02 16.87
CA PHE C 7 -1.50 16.50 17.92
C PHE C 7 -2.83 16.99 17.32
N GLY C 8 -3.86 17.06 18.17
CA GLY C 8 -5.14 17.65 17.79
C GLY C 8 -5.85 16.91 16.66
N PRO C 9 -6.71 17.60 15.88
CA PRO C 9 -7.71 16.95 15.04
C PRO C 9 -7.17 16.06 13.92
N ASP C 10 -5.95 16.37 13.46
CA ASP C 10 -5.35 15.61 12.37
C ASP C 10 -4.26 14.72 12.94
N GLY C 11 -4.37 14.40 14.23
CA GLY C 11 -3.40 13.58 14.94
C GLY C 11 -3.46 12.09 14.58
N GLU C 12 -2.66 11.28 15.29
CA GLU C 12 -2.34 9.94 14.81
C GLU C 12 -3.56 9.03 14.73
N ASN C 13 -4.61 9.27 15.54
CA ASN C 13 -5.75 8.38 15.46
C ASN C 13 -6.58 8.62 14.20
N SER C 14 -6.33 9.73 13.52
CA SER C 14 -7.05 10.05 12.29
C SER C 14 -6.23 9.86 11.02
N TRP C 15 -4.94 9.47 11.14
CA TRP C 15 -4.12 9.30 9.93
C TRP C 15 -4.79 8.34 8.95
N SER C 16 -5.47 7.31 9.45
CA SER C 16 -5.98 6.22 8.62
C SER C 16 -7.07 6.73 7.66
N LYS C 17 -7.62 7.90 7.95
CA LYS C 17 -8.68 8.43 7.11
C LYS C 17 -8.20 8.71 5.68
N LYS C 18 -7.03 9.34 5.58
CA LYS C 18 -6.40 9.73 4.32
C LYS C 18 -5.36 8.70 3.89
N TYR C 19 -4.73 8.06 4.88
CA TYR C 19 -3.56 7.20 4.62
C TYR C 19 -3.88 5.82 5.18
N PRO C 20 -4.55 4.96 4.41
CA PRO C 20 -5.14 3.74 4.98
C PRO C 20 -4.11 2.74 5.52
N SER C 21 -2.87 2.80 5.04
CA SER C 21 -1.90 1.88 5.59
C SER C 21 -1.66 2.14 7.08
N CYS C 22 -1.97 3.36 7.56
CA CYS C 22 -1.78 3.72 8.96
C CYS C 22 -2.70 2.90 9.86
N GLY C 23 -3.75 2.33 9.24
CA GLY C 23 -4.64 1.43 9.97
C GLY C 23 -4.58 -0.01 9.51
N GLY C 24 -3.50 -0.36 8.80
CA GLY C 24 -3.35 -1.73 8.33
C GLY C 24 -2.48 -2.57 9.25
N LEU C 25 -1.88 -3.58 8.63
CA LEU C 25 -1.04 -4.54 9.32
C LEU C 25 0.38 -3.99 9.42
N LEU C 26 1.12 -4.64 10.33
CA LEU C 26 2.55 -4.51 10.47
C LEU C 26 2.99 -3.08 10.80
N GLN C 27 2.27 -2.42 11.71
CA GLN C 27 2.55 -1.01 11.96
C GLN C 27 3.65 -0.88 13.03
N SER C 28 4.47 0.17 12.85
CA SER C 28 5.55 0.49 13.76
C SER C 28 5.24 1.86 14.40
N PRO C 29 5.88 2.30 15.52
CA PRO C 29 6.88 1.52 16.26
C PRO C 29 6.23 0.53 17.24
N ILE C 30 7.07 -0.25 17.92
CA ILE C 30 6.56 -1.31 18.79
C ILE C 30 7.34 -1.33 20.08
N ASP C 31 6.79 -2.09 21.05
CA ASP C 31 7.54 -2.47 22.25
C ASP C 31 8.41 -3.69 21.94
N LEU C 32 9.71 -3.58 22.32
CA LEU C 32 10.65 -4.64 22.02
C LEU C 32 10.91 -5.44 23.28
N HIS C 33 10.67 -6.77 23.26
CA HIS C 33 10.94 -7.50 24.49
C HIS C 33 11.22 -8.99 24.31
N SER C 34 11.94 -9.40 23.26
CA SER C 34 11.78 -10.80 22.95
C SER C 34 12.62 -11.74 23.83
N ASP C 35 12.23 -13.02 23.87
CA ASP C 35 12.85 -14.05 24.71
C ASP C 35 13.74 -14.91 23.84
N ILE C 36 14.27 -16.03 24.38
CA ILE C 36 15.29 -16.79 23.67
C ILE C 36 14.78 -17.43 22.37
N LEU C 37 13.48 -17.71 22.28
CA LEU C 37 12.95 -18.28 21.04
C LEU C 37 13.15 -17.34 19.85
N GLN C 38 13.32 -16.04 20.15
CA GLN C 38 13.40 -15.02 19.09
C GLN C 38 14.86 -14.73 18.74
N TYR C 39 15.80 -15.40 19.44
CA TYR C 39 17.21 -15.29 19.12
C TYR C 39 17.51 -16.01 17.80
N ASP C 40 18.05 -15.23 16.85
CA ASP C 40 18.33 -15.78 15.53
C ASP C 40 19.82 -15.61 15.30
N ALA C 41 20.56 -16.73 15.26
CA ALA C 41 22.00 -16.70 15.09
C ALA C 41 22.41 -16.33 13.67
N SER C 42 21.44 -16.35 12.73
CA SER C 42 21.67 -15.95 11.36
C SER C 42 21.75 -14.42 11.19
N LEU C 43 21.37 -13.67 12.25
CA LEU C 43 21.41 -12.22 12.22
C LEU C 43 22.83 -11.74 12.53
N THR C 44 23.60 -11.56 11.47
CA THR C 44 25.02 -11.26 11.59
C THR C 44 25.20 -9.76 11.50
N PRO C 45 26.41 -9.25 11.85
CA PRO C 45 26.66 -7.80 11.91
C PRO C 45 26.49 -7.13 10.57
N LEU C 46 25.88 -5.93 10.60
CA LEU C 46 25.83 -5.03 9.47
C LEU C 46 27.19 -4.39 9.32
N GLU C 47 27.50 -4.05 8.06
CA GLU C 47 28.65 -3.21 7.77
C GLU C 47 28.14 -1.95 7.09
N PHE C 48 28.80 -0.82 7.36
CA PHE C 48 28.38 0.51 6.97
C PHE C 48 29.45 1.08 6.02
N GLN C 49 29.10 1.21 4.74
CA GLN C 49 30.04 1.68 3.74
C GLN C 49 29.65 3.09 3.33
N GLY C 50 30.66 3.92 3.05
CA GLY C 50 30.38 5.29 2.61
C GLY C 50 29.87 6.22 3.72
N TYR C 51 29.85 5.76 4.98
CA TYR C 51 29.26 6.52 6.09
C TYR C 51 30.21 7.66 6.48
N ASN C 52 31.49 7.55 6.08
CA ASN C 52 32.38 8.65 6.41
C ASN C 52 32.29 9.66 5.27
N LEU C 53 31.43 10.67 5.43
CA LEU C 53 31.09 11.56 4.33
C LEU C 53 32.28 12.49 4.04
N SER C 54 32.46 12.80 2.75
CA SER C 54 33.54 13.64 2.27
C SER C 54 33.54 14.99 2.97
N ALA C 55 34.71 15.38 3.53
CA ALA C 55 34.82 16.59 4.34
C ALA C 55 34.57 17.84 3.48
N ASN C 56 34.83 17.70 2.18
CA ASN C 56 34.67 18.80 1.25
C ASN C 56 33.21 19.02 0.87
N LYS C 57 32.32 18.07 1.20
CA LYS C 57 30.93 18.16 0.78
C LYS C 57 30.09 18.67 1.95
N GLN C 58 28.90 19.17 1.63
CA GLN C 58 27.95 19.67 2.63
C GLN C 58 26.61 19.00 2.38
N PHE C 59 25.83 18.83 3.46
CA PHE C 59 24.59 18.07 3.45
C PHE C 59 23.49 18.94 4.09
N LEU C 60 22.32 18.93 3.46
CA LEU C 60 21.31 19.93 3.80
C LEU C 60 20.52 19.39 5.00
N LEU C 61 20.44 20.21 6.06
CA LEU C 61 19.56 20.01 7.20
C LEU C 61 18.28 20.84 7.01
N THR C 62 17.10 20.21 7.17
CA THR C 62 15.85 20.93 6.91
C THR C 62 14.85 20.68 8.05
N ASN C 63 14.12 21.74 8.41
CA ASN C 63 12.94 21.63 9.25
C ASN C 63 11.74 21.46 8.32
N ASN C 64 11.15 20.25 8.33
CA ASN C 64 10.06 19.99 7.41
C ASN C 64 8.72 20.12 8.11
N GLY C 65 8.72 20.62 9.35
CA GLY C 65 7.51 20.84 10.12
C GLY C 65 7.13 19.65 10.99
N HIS C 66 7.81 18.51 10.82
CA HIS C 66 7.51 17.32 11.63
C HIS C 66 8.77 16.83 12.36
N SER C 67 9.94 17.10 11.80
CA SER C 67 11.23 16.73 12.40
C SER C 67 12.30 17.63 11.79
N VAL C 68 13.54 17.37 12.18
CA VAL C 68 14.68 17.93 11.47
C VAL C 68 15.36 16.76 10.76
N LYS C 69 15.61 16.98 9.46
CA LYS C 69 16.08 15.90 8.62
C LYS C 69 17.39 16.33 7.99
N LEU C 70 18.35 15.42 7.94
CA LEU C 70 19.58 15.67 7.22
C LEU C 70 19.53 14.83 5.94
N ASN C 71 19.73 15.45 4.77
CA ASN C 71 19.79 14.69 3.52
C ASN C 71 21.08 13.87 3.46
N LEU C 72 20.98 12.62 2.99
CA LEU C 72 22.13 11.74 2.89
C LEU C 72 22.38 11.29 1.45
N PRO C 73 23.64 11.00 1.04
CA PRO C 73 23.91 10.53 -0.33
C PRO C 73 23.76 9.02 -0.51
N SER C 74 23.37 8.61 -1.73
CA SER C 74 23.10 7.22 -2.06
C SER C 74 24.39 6.39 -2.13
N ASP C 75 25.57 7.02 -1.95
CA ASP C 75 26.82 6.28 -1.91
C ASP C 75 27.10 5.74 -0.50
N MET C 76 26.28 6.16 0.48
CA MET C 76 26.26 5.58 1.82
C MET C 76 25.34 4.36 1.77
N HIS C 77 25.81 3.19 2.24
CA HIS C 77 24.99 2.00 2.13
C HIS C 77 25.31 0.99 3.22
N ILE C 78 24.31 0.14 3.51
CA ILE C 78 24.42 -0.94 4.49
C ILE C 78 24.69 -2.21 3.72
N GLN C 79 25.65 -2.98 4.22
CA GLN C 79 25.90 -4.34 3.77
C GLN C 79 25.52 -5.31 4.88
N GLY C 80 24.91 -6.44 4.47
CA GLY C 80 24.49 -7.49 5.38
C GLY C 80 23.00 -7.80 5.28
N LEU C 81 22.24 -6.98 4.51
CA LEU C 81 20.84 -7.26 4.30
C LEU C 81 20.64 -8.06 3.01
N GLN C 82 19.39 -8.40 2.66
CA GLN C 82 19.11 -9.26 1.52
C GLN C 82 19.26 -8.49 0.20
N SER C 83 19.34 -7.16 0.27
CA SER C 83 19.69 -6.34 -0.89
C SER C 83 20.64 -5.25 -0.42
N ARG C 84 21.19 -4.50 -1.35
CA ARG C 84 21.95 -3.31 -0.92
C ARG C 84 20.91 -2.23 -0.62
N TYR C 85 21.00 -1.64 0.56
CA TYR C 85 20.18 -0.48 0.89
C TYR C 85 21.04 0.79 0.97
N SER C 86 20.65 1.80 0.21
CA SER C 86 21.40 3.05 0.15
C SER C 86 20.70 4.12 1.00
N ALA C 87 21.49 5.01 1.60
CA ALA C 87 20.92 6.04 2.47
C ALA C 87 20.15 7.10 1.68
N THR C 88 19.09 7.63 2.31
CA THR C 88 18.36 8.79 1.79
C THR C 88 18.34 9.97 2.77
N GLN C 89 18.15 9.72 4.09
CA GLN C 89 18.12 10.82 5.05
C GLN C 89 18.18 10.25 6.46
N LEU C 90 18.55 11.11 7.42
CA LEU C 90 18.31 10.77 8.82
C LEU C 90 17.51 11.87 9.49
N HIS C 91 16.83 11.53 10.60
CA HIS C 91 16.07 12.53 11.34
C HIS C 91 15.89 12.02 12.77
N LEU C 92 15.22 12.79 13.64
CA LEU C 92 15.08 12.41 15.04
C LEU C 92 13.65 12.54 15.50
N HIS C 93 13.37 11.83 16.62
CA HIS C 93 12.09 11.93 17.30
C HIS C 93 12.43 12.23 18.77
N TRP C 94 11.62 13.07 19.39
CA TRP C 94 11.88 13.38 20.81
C TRP C 94 10.59 13.75 21.52
N GLY C 95 10.73 13.98 22.84
CA GLY C 95 9.55 14.29 23.64
C GLY C 95 9.49 15.77 23.96
N ASN C 96 9.52 16.12 25.25
CA ASN C 96 9.51 17.55 25.57
C ASN C 96 10.24 17.76 26.89
N PRO C 97 10.68 18.99 27.19
CA PRO C 97 11.54 19.22 28.34
C PRO C 97 10.93 18.76 29.63
N ASN C 98 9.60 18.80 29.69
CA ASN C 98 8.92 18.46 30.93
C ASN C 98 8.54 16.97 31.00
N ASP C 99 8.75 16.24 29.90
CA ASP C 99 8.46 14.81 29.78
C ASP C 99 9.43 14.26 28.73
N PRO C 100 10.72 14.12 29.09
CA PRO C 100 11.82 13.87 28.14
C PRO C 100 11.99 12.40 27.77
N HIS C 101 10.88 11.80 27.28
CA HIS C 101 10.78 10.42 26.91
C HIS C 101 10.08 10.33 25.55
N GLY C 102 10.86 10.42 24.49
CA GLY C 102 10.23 10.58 23.20
C GLY C 102 10.81 9.66 22.14
N SER C 103 11.43 8.54 22.54
CA SER C 103 11.78 7.52 21.56
C SER C 103 10.51 6.97 20.93
N GLU C 104 10.65 6.36 19.76
CA GLU C 104 9.45 5.75 19.17
C GLU C 104 9.28 4.32 19.71
N HIS C 105 10.34 3.52 19.57
CA HIS C 105 10.35 2.17 20.11
C HIS C 105 10.58 2.28 21.62
N THR C 106 10.01 1.31 22.33
CA THR C 106 10.23 1.15 23.75
C THR C 106 10.86 -0.23 23.93
N VAL C 107 11.59 -0.40 25.03
CA VAL C 107 12.21 -1.67 25.32
C VAL C 107 11.66 -2.10 26.66
N SER C 108 10.96 -3.25 26.65
CA SER C 108 10.30 -3.75 27.84
C SER C 108 9.50 -2.64 28.51
N GLY C 109 8.77 -1.85 27.71
CA GLY C 109 7.89 -0.79 28.20
C GLY C 109 8.61 0.54 28.47
N GLN C 110 9.94 0.58 28.38
CA GLN C 110 10.60 1.84 28.74
C GLN C 110 10.84 2.72 27.50
N HIS C 111 10.42 4.00 27.56
CA HIS C 111 10.74 4.99 26.53
C HIS C 111 12.13 5.55 26.77
N PHE C 112 12.96 5.71 25.72
CA PHE C 112 14.20 6.44 25.89
C PHE C 112 13.94 7.93 25.61
N ALA C 113 14.95 8.78 25.87
CA ALA C 113 14.79 10.21 25.65
C ALA C 113 14.42 10.53 24.19
N ALA C 114 15.11 9.90 23.22
CA ALA C 114 14.94 10.31 21.83
C ALA C 114 15.34 9.14 20.94
N GLU C 115 15.14 9.26 19.62
CA GLU C 115 15.52 8.16 18.75
C GLU C 115 16.00 8.78 17.43
N LEU C 116 17.10 8.25 16.90
CA LEU C 116 17.57 8.58 15.56
C LEU C 116 17.15 7.51 14.57
N HIS C 117 16.67 7.94 13.40
CA HIS C 117 16.37 7.00 12.31
C HIS C 117 17.22 7.35 11.09
N ILE C 118 17.96 6.36 10.60
CA ILE C 118 18.76 6.50 9.35
C ILE C 118 18.07 5.69 8.27
N VAL C 119 17.43 6.41 7.33
CA VAL C 119 16.50 5.80 6.39
C VAL C 119 17.25 5.46 5.10
N HIS C 120 17.06 4.21 4.61
CA HIS C 120 17.70 3.71 3.41
C HIS C 120 16.62 3.11 2.50
N TYR C 121 16.95 2.98 1.19
CA TYR C 121 16.01 2.38 0.26
C TYR C 121 16.70 1.29 -0.55
N ASN C 122 15.90 0.41 -1.13
CA ASN C 122 16.49 -0.70 -1.87
C ASN C 122 16.87 -0.22 -3.28
N SER C 123 18.15 0.12 -3.44
CA SER C 123 18.65 0.68 -4.69
C SER C 123 19.02 -0.41 -5.70
N ASP C 124 18.94 -1.67 -5.28
CA ASP C 124 19.02 -2.82 -6.19
C ASP C 124 17.72 -2.91 -7.01
N LEU C 125 16.56 -2.62 -6.38
CA LEU C 125 15.30 -2.82 -7.07
C LEU C 125 14.70 -1.49 -7.57
N TYR C 126 15.04 -0.37 -6.94
CA TYR C 126 14.27 0.87 -7.11
C TYR C 126 15.22 2.03 -7.34
N PRO C 127 14.80 3.06 -8.12
CA PRO C 127 15.71 4.16 -8.47
C PRO C 127 15.91 5.21 -7.38
N ASP C 128 14.95 5.35 -6.45
CA ASP C 128 15.04 6.33 -5.39
C ASP C 128 14.09 5.94 -4.26
N ALA C 129 14.16 6.65 -3.13
CA ALA C 129 13.46 6.27 -1.91
C ALA C 129 11.94 6.44 -2.06
N SER C 130 11.49 7.44 -2.82
CA SER C 130 10.04 7.64 -2.91
C SER C 130 9.38 6.52 -3.71
N THR C 131 10.01 6.08 -4.83
CA THR C 131 9.50 4.96 -5.61
C THR C 131 9.54 3.68 -4.78
N ALA C 132 10.56 3.56 -3.93
CA ALA C 132 10.75 2.36 -3.13
C ALA C 132 9.78 2.31 -1.96
N SER C 133 9.26 3.47 -1.55
CA SER C 133 8.58 3.59 -0.27
C SER C 133 7.34 2.72 -0.14
N ASN C 134 6.59 2.46 -1.24
CA ASN C 134 5.37 1.67 -1.12
C ASN C 134 5.51 0.34 -1.86
N LYS C 135 6.75 -0.13 -1.97
CA LYS C 135 7.01 -1.32 -2.74
C LYS C 135 7.65 -2.37 -1.85
N SER C 136 7.49 -3.63 -2.27
CA SER C 136 8.03 -4.77 -1.56
C SER C 136 9.54 -4.60 -1.32
N GLU C 137 9.96 -4.84 -0.07
CA GLU C 137 11.35 -4.78 0.36
C GLU C 137 11.95 -3.40 0.11
N GLY C 138 11.11 -2.36 0.19
CA GLY C 138 11.54 -1.06 -0.34
C GLY C 138 12.52 -0.32 0.57
N LEU C 139 12.37 -0.47 1.89
CA LEU C 139 13.05 0.44 2.79
C LEU C 139 13.71 -0.36 3.93
N ALA C 140 14.85 0.18 4.42
CA ALA C 140 15.41 -0.32 5.68
C ALA C 140 15.81 0.88 6.55
N VAL C 141 15.45 0.82 7.83
CA VAL C 141 15.81 1.92 8.71
C VAL C 141 16.68 1.37 9.83
N LEU C 142 17.71 2.15 10.20
CA LEU C 142 18.48 1.88 11.41
C LEU C 142 17.95 2.81 12.50
N ALA C 143 17.68 2.24 13.67
CA ALA C 143 17.18 3.03 14.78
C ALA C 143 18.21 3.04 15.92
N VAL C 144 18.57 4.25 16.41
CA VAL C 144 19.45 4.42 17.58
C VAL C 144 18.67 5.05 18.73
N LEU C 145 18.60 4.34 19.87
CA LEU C 145 17.96 4.85 21.07
C LEU C 145 18.94 5.81 21.76
N ILE C 146 18.40 6.93 22.23
CA ILE C 146 19.19 8.00 22.81
C ILE C 146 18.76 8.19 24.26
N GLU C 147 19.74 8.17 25.15
CA GLU C 147 19.48 8.49 26.55
C GLU C 147 20.36 9.65 27.01
N MET C 148 19.95 10.26 28.13
CA MET C 148 20.74 11.35 28.70
C MET C 148 21.93 10.79 29.49
N GLY C 149 23.10 11.42 29.31
CA GLY C 149 24.34 10.97 29.92
C GLY C 149 25.47 11.92 29.52
N SER C 150 26.59 11.38 29.02
CA SER C 150 27.72 12.24 28.75
C SER C 150 27.51 13.04 27.47
N PHE C 151 28.13 14.22 27.38
CA PHE C 151 28.16 15.05 26.18
C PHE C 151 28.72 14.28 24.99
N ASN C 152 28.05 14.41 23.84
CA ASN C 152 28.35 13.61 22.66
C ASN C 152 28.82 14.53 21.54
N PRO C 153 30.15 14.60 21.27
CA PRO C 153 30.66 15.50 20.24
C PRO C 153 30.19 15.21 18.82
N SER C 154 29.86 13.95 18.53
CA SER C 154 29.38 13.59 17.19
C SER C 154 27.95 14.08 16.95
N TYR C 155 27.06 13.92 17.94
CA TYR C 155 25.72 14.47 17.80
C TYR C 155 25.73 16.00 17.70
N ASP C 156 26.70 16.64 18.38
CA ASP C 156 26.76 18.08 18.27
C ASP C 156 27.05 18.57 16.84
N LYS C 157 27.67 17.76 15.99
CA LYS C 157 27.86 18.17 14.61
C LYS C 157 26.51 18.44 13.93
N ILE C 158 25.45 17.85 14.47
CA ILE C 158 24.12 18.12 13.97
C ILE C 158 23.52 19.22 14.84
N PHE C 159 23.64 19.04 16.17
CA PHE C 159 22.87 19.87 17.08
C PHE C 159 23.29 21.33 17.04
N SER C 160 24.54 21.60 16.60
CA SER C 160 25.07 22.94 16.64
C SER C 160 24.40 23.81 15.59
N HIS C 161 23.67 23.17 14.67
CA HIS C 161 22.99 23.90 13.60
C HIS C 161 21.50 24.09 13.85
N LEU C 162 20.98 23.76 15.04
CA LEU C 162 19.52 23.71 15.24
C LEU C 162 18.90 25.10 15.22
N GLN C 163 19.59 26.05 15.86
CA GLN C 163 19.12 27.41 16.01
C GLN C 163 19.00 28.11 14.66
N HIS C 164 19.42 27.47 13.56
CA HIS C 164 19.41 27.99 12.20
C HIS C 164 18.28 27.35 11.38
N VAL C 165 17.62 26.36 11.96
CA VAL C 165 16.52 25.72 11.25
C VAL C 165 15.29 25.74 12.16
N LYS C 166 15.06 26.89 12.84
CA LYS C 166 14.09 26.93 13.93
C LYS C 166 12.67 26.74 13.39
N TYR C 167 12.39 27.28 12.18
CA TYR C 167 11.05 27.26 11.63
C TYR C 167 10.89 26.37 10.40
N LYS C 168 9.63 26.02 10.14
CA LYS C 168 9.28 25.11 9.06
C LYS C 168 9.76 25.68 7.74
N GLY C 169 10.39 24.82 6.93
CA GLY C 169 10.92 25.24 5.64
C GLY C 169 12.37 25.74 5.72
N GLN C 170 12.89 26.10 6.91
CA GLN C 170 14.26 26.62 6.99
C GLN C 170 15.30 25.51 6.82
N GLU C 171 16.47 25.86 6.25
CA GLU C 171 17.53 24.90 5.96
C GLU C 171 18.89 25.45 6.39
N ALA C 172 19.83 24.55 6.68
CA ALA C 172 21.22 24.86 6.98
C ALA C 172 22.11 23.81 6.32
N PHE C 173 23.39 24.15 6.09
CA PHE C 173 24.36 23.21 5.53
C PHE C 173 25.21 22.60 6.63
N VAL C 174 25.33 21.26 6.62
CA VAL C 174 26.18 20.56 7.57
C VAL C 174 27.39 19.95 6.85
N PRO C 175 28.64 20.25 7.26
CA PRO C 175 29.80 19.66 6.57
C PRO C 175 29.85 18.16 6.82
N GLY C 176 30.27 17.40 5.80
CA GLY C 176 30.43 15.98 5.95
C GLY C 176 31.19 15.58 7.21
N PHE C 177 30.68 14.52 7.89
CA PHE C 177 31.41 13.90 8.97
C PHE C 177 31.06 12.42 8.94
N ASN C 178 31.63 11.64 9.85
CA ASN C 178 31.43 10.21 9.81
C ASN C 178 30.13 9.87 10.54
N ILE C 179 29.12 9.47 9.79
CA ILE C 179 27.83 9.16 10.38
C ILE C 179 27.92 7.94 11.29
N GLU C 180 28.95 7.10 11.13
CA GLU C 180 29.09 5.92 11.97
C GLU C 180 29.28 6.35 13.42
N GLU C 181 29.70 7.61 13.63
CA GLU C 181 29.96 8.08 15.00
C GLU C 181 28.63 8.25 15.74
N LEU C 182 27.51 8.24 15.00
CA LEU C 182 26.21 8.45 15.63
C LEU C 182 25.67 7.13 16.14
N LEU C 183 26.32 6.02 15.74
CA LEU C 183 25.80 4.70 16.08
C LEU C 183 26.38 4.30 17.43
N PRO C 184 25.71 3.41 18.18
CA PRO C 184 26.21 3.03 19.49
C PRO C 184 27.45 2.15 19.45
N GLU C 185 27.94 1.90 20.68
CA GLU C 185 28.76 0.76 21.04
C GLU C 185 28.10 -0.54 20.60
N ARG C 186 28.93 -1.36 19.94
CA ARG C 186 28.61 -2.76 19.75
C ARG C 186 27.30 -2.83 18.98
N THR C 187 27.41 -2.50 17.69
CA THR C 187 26.27 -2.54 16.79
C THR C 187 25.91 -3.97 16.42
N ALA C 188 26.71 -4.99 16.80
CA ALA C 188 26.32 -6.36 16.47
C ALA C 188 24.99 -6.77 17.11
N GLU C 189 24.63 -6.12 18.21
CA GLU C 189 23.47 -6.55 18.97
C GLU C 189 22.29 -5.67 18.60
N TYR C 190 21.23 -6.28 18.08
CA TYR C 190 20.10 -5.50 17.60
C TYR C 190 18.84 -6.34 17.56
N TYR C 191 17.71 -5.65 17.50
CA TYR C 191 16.40 -6.24 17.23
C TYR C 191 16.07 -6.03 15.76
N ARG C 192 15.37 -7.00 15.16
CA ARG C 192 15.10 -6.95 13.73
C ARG C 192 13.66 -7.38 13.51
N TYR C 193 12.90 -6.59 12.72
CA TYR C 193 11.54 -6.99 12.41
C TYR C 193 11.08 -6.29 11.12
N ARG C 194 10.05 -6.87 10.51
CA ARG C 194 9.40 -6.27 9.37
C ARG C 194 8.23 -5.41 9.82
N GLY C 195 8.33 -4.08 9.57
CA GLY C 195 7.46 -3.08 10.13
C GLY C 195 7.09 -2.03 9.08
N SER C 196 6.78 -0.81 9.53
CA SER C 196 6.20 0.20 8.66
C SER C 196 6.94 1.51 8.84
N LEU C 197 6.71 2.48 7.95
CA LEU C 197 7.02 3.86 8.32
C LEU C 197 6.21 4.27 9.55
N THR C 198 6.78 5.16 10.38
CA THR C 198 6.05 5.55 11.58
C THR C 198 5.35 6.89 11.39
N THR C 199 5.40 7.39 10.16
CA THR C 199 4.64 8.58 9.78
C THR C 199 3.84 8.28 8.52
N PRO C 200 2.76 9.03 8.22
CA PRO C 200 2.03 8.84 6.97
C PRO C 200 3.00 8.84 5.80
N PRO C 201 2.84 7.99 4.76
CA PRO C 201 1.69 7.10 4.62
C PRO C 201 1.74 5.73 5.31
N CYS C 202 2.69 5.57 6.24
CA CYS C 202 2.77 4.38 7.09
C CYS C 202 2.91 3.08 6.30
N ASN C 203 3.63 3.12 5.17
CA ASN C 203 3.68 1.94 4.32
C ASN C 203 4.37 0.80 5.07
N PRO C 204 3.83 -0.45 5.00
CA PRO C 204 4.46 -1.61 5.66
C PRO C 204 5.63 -2.24 4.89
N THR C 205 6.64 -1.42 4.62
CA THR C 205 7.70 -1.72 3.68
C THR C 205 9.08 -1.61 4.35
N VAL C 206 9.12 -1.51 5.69
CA VAL C 206 10.36 -1.18 6.37
C VAL C 206 10.99 -2.39 7.06
N LEU C 207 12.25 -2.69 6.72
CA LEU C 207 13.00 -3.67 7.49
C LEU C 207 13.70 -2.89 8.61
N TRP C 208 13.28 -3.11 9.86
CA TRP C 208 13.79 -2.35 11.01
C TRP C 208 14.98 -3.08 11.63
N THR C 209 16.02 -2.29 11.98
CA THR C 209 17.09 -2.71 12.86
C THR C 209 17.14 -1.68 13.97
N VAL C 210 16.88 -2.13 15.20
CA VAL C 210 16.93 -1.25 16.35
C VAL C 210 18.08 -1.69 17.23
N PHE C 211 19.12 -0.83 17.41
CA PHE C 211 20.31 -1.29 18.09
C PHE C 211 19.98 -1.47 19.55
N ARG C 212 20.60 -2.49 20.19
CA ARG C 212 20.30 -2.78 21.58
C ARG C 212 20.82 -1.68 22.51
N ASN C 213 22.05 -1.23 22.25
CA ASN C 213 22.71 -0.32 23.16
C ASN C 213 22.34 1.11 22.75
N PRO C 214 21.87 1.95 23.70
CA PRO C 214 21.63 3.37 23.42
C PRO C 214 22.94 4.14 23.31
N VAL C 215 22.90 5.33 22.70
CA VAL C 215 23.93 6.33 22.82
C VAL C 215 23.54 7.30 23.92
N GLN C 216 24.52 8.07 24.40
CA GLN C 216 24.20 9.09 25.39
C GLN C 216 24.46 10.47 24.79
N ILE C 217 23.62 11.46 25.13
CA ILE C 217 23.88 12.86 24.85
C ILE C 217 23.65 13.61 26.16
N SER C 218 24.25 14.79 26.31
CA SER C 218 24.09 15.51 27.56
C SER C 218 22.67 16.05 27.68
N GLN C 219 22.28 16.34 28.93
CA GLN C 219 20.97 16.92 29.15
C GLN C 219 20.90 18.30 28.49
N GLU C 220 22.05 18.98 28.35
CA GLU C 220 22.06 20.24 27.62
C GLU C 220 21.76 20.04 26.13
N GLN C 221 22.33 18.98 25.52
CA GLN C 221 22.05 18.67 24.12
C GLN C 221 20.59 18.30 23.96
N LEU C 222 20.10 17.42 24.85
CA LEU C 222 18.69 17.02 24.79
C LEU C 222 17.75 18.23 24.85
N LEU C 223 18.05 19.17 25.77
CA LEU C 223 17.24 20.36 25.93
C LEU C 223 17.32 21.23 24.68
N ALA C 224 18.48 21.31 24.03
CA ALA C 224 18.57 22.07 22.80
C ALA C 224 17.62 21.47 21.74
N LEU C 225 17.61 20.13 21.63
CA LEU C 225 16.78 19.50 20.60
C LEU C 225 15.30 19.75 20.87
N GLU C 226 14.93 19.73 22.14
CA GLU C 226 13.54 19.75 22.60
C GLU C 226 12.99 21.17 22.60
N THR C 227 13.84 22.20 22.53
CA THR C 227 13.42 23.59 22.63
C THR C 227 13.75 24.42 21.40
N ALA C 228 14.58 23.89 20.48
CA ALA C 228 15.06 24.73 19.39
C ALA C 228 14.01 24.95 18.29
N LEU C 229 13.09 23.98 18.07
CA LEU C 229 12.41 23.96 16.78
C LEU C 229 10.92 24.21 16.91
N TYR C 230 10.33 24.72 15.82
CA TYR C 230 8.91 24.98 15.68
C TYR C 230 8.39 24.21 14.47
N CYS C 231 7.14 23.71 14.53
CA CYS C 231 6.44 23.07 13.41
C CYS C 231 5.87 24.10 12.43
N THR C 232 5.82 25.37 12.84
CA THR C 232 5.19 26.42 12.07
C THR C 232 6.25 27.31 11.41
N HIS C 233 5.82 28.13 10.43
CA HIS C 233 6.71 29.05 9.70
C HIS C 233 7.02 30.27 10.57
N MET C 234 8.10 30.97 10.18
CA MET C 234 8.68 32.09 10.93
C MET C 234 7.63 33.13 11.32
N ASP C 235 6.67 33.40 10.41
CA ASP C 235 5.76 34.51 10.62
C ASP C 235 4.61 34.16 11.58
N ASP C 236 4.32 32.86 11.71
CA ASP C 236 3.01 32.33 12.10
C ASP C 236 2.51 32.99 13.38
N PRO C 237 1.22 33.44 13.39
CA PRO C 237 0.63 34.09 14.57
C PRO C 237 0.67 33.19 15.80
N SER C 238 0.27 31.93 15.63
CA SER C 238 0.21 30.93 16.70
C SER C 238 1.31 29.88 16.50
N PRO C 239 2.52 30.11 17.05
CA PRO C 239 3.64 29.20 16.82
C PRO C 239 3.30 27.89 17.53
N ARG C 240 3.77 26.76 17.00
CA ARG C 240 3.63 25.46 17.66
C ARG C 240 5.04 24.90 17.78
N GLU C 241 5.48 24.64 19.03
CA GLU C 241 6.77 24.01 19.30
C GLU C 241 6.84 22.62 18.70
N MET C 242 8.02 22.22 18.19
CA MET C 242 8.15 20.87 17.66
C MET C 242 8.61 19.95 18.80
N ILE C 243 7.62 19.31 19.42
CA ILE C 243 7.79 18.47 20.60
C ILE C 243 6.88 17.25 20.44
N ASN C 244 7.22 16.15 21.13
CA ASN C 244 6.38 14.97 21.15
C ASN C 244 6.13 14.47 19.73
N ASN C 245 7.17 14.50 18.90
CA ASN C 245 7.00 14.17 17.50
C ASN C 245 7.28 12.68 17.26
N PHE C 246 6.54 11.81 17.95
CA PHE C 246 6.76 10.37 17.86
C PHE C 246 5.35 9.76 17.83
N ARG C 247 5.22 8.60 17.17
CA ARG C 247 3.96 7.88 17.19
C ARG C 247 3.90 6.99 18.44
N GLN C 248 2.70 6.81 19.01
CA GLN C 248 2.55 5.80 20.05
C GLN C 248 2.89 4.40 19.54
N VAL C 249 3.34 3.54 20.46
CA VAL C 249 3.54 2.12 20.14
C VAL C 249 2.26 1.43 19.65
N GLN C 250 2.47 0.48 18.72
CA GLN C 250 1.42 -0.26 18.04
C GLN C 250 1.43 -1.68 18.61
N LYS C 251 0.26 -2.29 18.66
CA LYS C 251 0.16 -3.72 18.93
C LYS C 251 0.98 -4.49 17.92
N PHE C 252 1.71 -5.53 18.39
CA PHE C 252 2.53 -6.32 17.47
C PHE C 252 2.68 -7.75 17.97
N ASP C 253 2.80 -8.70 17.01
CA ASP C 253 3.09 -10.09 17.37
C ASP C 253 4.57 -10.26 17.68
N GLU C 254 4.90 -10.48 18.95
CA GLU C 254 6.31 -10.53 19.35
C GLU C 254 7.03 -11.72 18.74
N ARG C 255 6.28 -12.72 18.24
CA ARG C 255 6.95 -13.90 17.66
C ARG C 255 7.59 -13.53 16.33
N LEU C 256 7.31 -12.29 15.87
CA LEU C 256 7.85 -11.76 14.62
C LEU C 256 8.94 -10.70 14.89
N VAL C 257 9.40 -10.54 16.14
CA VAL C 257 10.58 -9.71 16.40
C VAL C 257 11.76 -10.64 16.70
N TYR C 258 12.91 -10.43 16.06
CA TYR C 258 14.04 -11.33 16.28
C TYR C 258 15.21 -10.56 16.90
N THR C 259 16.14 -11.27 17.59
CA THR C 259 17.28 -10.57 18.18
C THR C 259 18.57 -11.24 17.66
N SER C 260 19.67 -10.47 17.57
CA SER C 260 20.95 -11.03 17.21
C SER C 260 21.77 -11.30 18.48
N PHE C 261 21.15 -11.20 19.65
CA PHE C 261 21.88 -11.38 20.89
C PHE C 261 21.10 -12.28 21.83
N SER C 262 21.87 -13.06 22.59
CA SER C 262 21.45 -13.93 23.69
C SER C 262 20.79 -13.08 24.77
N GLN C 263 21.65 -12.34 25.48
CA GLN C 263 21.28 -11.32 26.45
C GLN C 263 22.44 -10.31 26.47
N LYS D 3 -18.93 -2.47 13.37
CA LYS D 3 -18.14 -3.74 13.25
C LYS D 3 -16.74 -3.55 13.85
N TRP D 4 -16.57 -2.58 14.76
CA TRP D 4 -15.26 -2.26 15.32
C TRP D 4 -14.66 -3.45 16.08
N THR D 5 -13.32 -3.55 16.04
CA THR D 5 -12.58 -4.60 16.71
C THR D 5 -11.28 -4.05 17.31
N TYR D 6 -10.43 -4.97 17.79
CA TYR D 6 -9.14 -4.63 18.35
C TYR D 6 -8.03 -5.17 17.45
N PHE D 7 -8.38 -5.69 16.26
CA PHE D 7 -7.33 -6.11 15.35
C PHE D 7 -7.83 -6.12 13.92
N GLY D 8 -6.97 -5.70 12.98
CA GLY D 8 -7.29 -5.79 11.57
C GLY D 8 -8.09 -4.58 11.05
N PRO D 9 -8.75 -4.70 9.88
CA PRO D 9 -9.31 -3.55 9.17
C PRO D 9 -10.12 -2.62 10.06
N ASP D 10 -10.91 -3.22 10.98
CA ASP D 10 -11.75 -2.44 11.87
C ASP D 10 -11.06 -2.18 13.21
N GLY D 11 -9.71 -2.30 13.28
CA GLY D 11 -8.89 -2.07 14.46
C GLY D 11 -8.84 -0.62 14.98
N GLU D 12 -8.07 -0.40 16.06
CA GLU D 12 -8.19 0.83 16.83
C GLU D 12 -7.74 2.07 16.04
N ASN D 13 -6.78 1.91 15.10
CA ASN D 13 -6.32 3.05 14.32
C ASN D 13 -7.39 3.54 13.33
N SER D 14 -8.45 2.76 13.14
CA SER D 14 -9.49 3.03 12.17
C SER D 14 -10.81 3.39 12.81
N TRP D 15 -10.90 3.29 14.15
CA TRP D 15 -12.12 3.66 14.84
C TRP D 15 -12.62 5.05 14.44
N SER D 16 -11.70 6.02 14.25
CA SER D 16 -12.12 7.39 14.00
C SER D 16 -12.87 7.53 12.66
N LYS D 17 -12.81 6.53 11.77
CA LYS D 17 -13.51 6.65 10.49
C LYS D 17 -15.03 6.66 10.71
N LYS D 18 -15.50 5.76 11.59
CA LYS D 18 -16.93 5.61 11.87
C LYS D 18 -17.29 6.34 13.15
N TYR D 19 -16.33 6.48 14.09
CA TYR D 19 -16.63 7.11 15.38
C TYR D 19 -15.68 8.27 15.59
N PRO D 20 -16.07 9.49 15.16
CA PRO D 20 -15.16 10.64 15.13
C PRO D 20 -14.56 11.05 16.47
N SER D 21 -15.23 10.76 17.60
CA SER D 21 -14.67 11.16 18.89
C SER D 21 -13.36 10.40 19.17
N CYS D 22 -13.19 9.26 18.49
CA CYS D 22 -12.06 8.37 18.76
C CYS D 22 -10.78 9.05 18.28
N GLY D 23 -10.94 10.02 17.38
CA GLY D 23 -9.80 10.82 16.94
C GLY D 23 -9.79 12.23 17.52
N GLY D 24 -10.54 12.43 18.60
CA GLY D 24 -10.74 13.76 19.13
C GLY D 24 -9.94 14.01 20.41
N LEU D 25 -10.41 14.94 21.25
CA LEU D 25 -9.63 15.28 22.42
C LEU D 25 -10.04 14.39 23.60
N LEU D 26 -9.24 14.47 24.67
CA LEU D 26 -9.50 13.86 25.97
C LEU D 26 -9.61 12.34 25.87
N GLN D 27 -8.79 11.71 25.02
CA GLN D 27 -8.84 10.25 24.88
C GLN D 27 -8.11 9.49 26.00
N SER D 28 -8.70 8.34 26.36
CA SER D 28 -8.14 7.38 27.31
C SER D 28 -7.88 6.06 26.60
N PRO D 29 -7.08 5.12 27.15
CA PRO D 29 -6.43 5.27 28.45
C PRO D 29 -5.09 6.02 28.31
N ILE D 30 -4.37 6.20 29.42
CA ILE D 30 -3.09 6.89 29.42
C ILE D 30 -2.08 6.13 30.28
N ASP D 31 -0.81 6.48 30.06
CA ASP D 31 0.26 5.99 30.92
C ASP D 31 0.39 6.95 32.11
N LEU D 32 0.20 6.44 33.33
CA LEU D 32 0.32 7.28 34.50
C LEU D 32 1.78 7.22 34.96
N HIS D 33 2.51 8.34 34.83
CA HIS D 33 3.94 8.42 35.12
C HIS D 33 4.24 9.78 35.73
N SER D 34 5.37 9.90 36.46
CA SER D 34 5.54 10.99 37.40
C SER D 34 5.43 12.36 36.73
N ASP D 35 5.82 12.45 35.46
CA ASP D 35 5.92 13.76 34.83
C ASP D 35 4.56 14.41 34.67
N ILE D 36 3.46 13.64 34.74
CA ILE D 36 2.15 14.20 34.44
C ILE D 36 1.24 14.20 35.67
N LEU D 37 1.79 13.84 36.84
CA LEU D 37 0.97 13.74 38.04
C LEU D 37 1.14 14.95 38.95
N GLN D 38 0.05 15.34 39.63
CA GLN D 38 0.13 16.36 40.68
C GLN D 38 -0.83 15.98 41.80
N TYR D 39 -0.33 16.00 43.05
CA TYR D 39 -1.12 15.80 44.26
C TYR D 39 -2.16 16.89 44.43
N ASP D 40 -3.40 16.49 44.75
CA ASP D 40 -4.48 17.41 45.03
C ASP D 40 -5.18 16.94 46.31
N ALA D 41 -5.10 17.77 47.36
CA ALA D 41 -5.51 17.30 48.67
C ALA D 41 -7.03 17.32 48.77
N SER D 42 -7.70 18.03 47.85
CA SER D 42 -9.15 18.03 47.81
C SER D 42 -9.72 16.73 47.25
N LEU D 43 -8.84 15.78 46.87
CA LEU D 43 -9.30 14.48 46.42
C LEU D 43 -9.50 13.58 47.65
N THR D 44 -10.71 13.66 48.21
CA THR D 44 -11.01 12.91 49.42
C THR D 44 -11.63 11.55 49.08
N PRO D 45 -11.72 10.62 50.07
CA PRO D 45 -12.19 9.26 49.81
C PRO D 45 -13.59 9.16 49.20
N LEU D 46 -13.77 8.17 48.33
CA LEU D 46 -15.07 7.85 47.78
C LEU D 46 -15.73 6.87 48.74
N GLU D 47 -17.06 6.79 48.71
CA GLU D 47 -17.73 5.70 49.40
C GLU D 47 -18.58 4.96 48.39
N PHE D 48 -18.62 3.64 48.53
CA PHE D 48 -19.35 2.79 47.59
C PHE D 48 -20.54 2.25 48.36
N GLN D 49 -21.72 2.68 47.89
CA GLN D 49 -22.96 2.44 48.61
C GLN D 49 -23.85 1.53 47.78
N GLY D 50 -24.40 0.51 48.46
CA GLY D 50 -25.31 -0.40 47.78
C GLY D 50 -24.58 -1.43 46.91
N TYR D 51 -23.26 -1.60 47.14
CA TYR D 51 -22.48 -2.51 46.33
C TYR D 51 -22.61 -3.96 46.81
N ASN D 52 -23.17 -4.16 48.01
CA ASN D 52 -23.33 -5.52 48.52
C ASN D 52 -24.61 -6.12 47.95
N LEU D 53 -24.49 -6.79 46.80
CA LEU D 53 -25.67 -7.35 46.14
C LEU D 53 -25.98 -8.73 46.70
N SER D 54 -27.28 -9.02 46.81
CA SER D 54 -27.69 -10.28 47.42
C SER D 54 -27.37 -11.47 46.51
N ALA D 55 -26.95 -12.59 47.10
CA ALA D 55 -26.77 -13.79 46.28
C ALA D 55 -28.13 -14.39 45.94
N ASN D 56 -29.19 -13.85 46.58
CA ASN D 56 -30.54 -14.27 46.28
C ASN D 56 -31.11 -13.50 45.09
N LYS D 57 -30.32 -12.59 44.51
CA LYS D 57 -30.84 -11.83 43.39
C LYS D 57 -29.96 -12.17 42.19
N GLN D 58 -30.45 -11.95 40.97
CA GLN D 58 -29.66 -12.34 39.81
C GLN D 58 -29.28 -11.12 38.99
N PHE D 59 -28.09 -11.17 38.36
CA PHE D 59 -27.59 -10.11 37.49
C PHE D 59 -27.11 -10.70 36.17
N LEU D 60 -27.33 -9.99 35.07
CA LEU D 60 -27.08 -10.64 33.79
C LEU D 60 -25.63 -10.43 33.35
N LEU D 61 -24.94 -11.53 33.04
CA LEU D 61 -23.61 -11.50 32.44
C LEU D 61 -23.77 -11.74 30.93
N THR D 62 -23.02 -10.98 30.11
CA THR D 62 -23.23 -11.04 28.66
C THR D 62 -21.87 -10.98 27.99
N ASN D 63 -21.68 -11.78 26.96
CA ASN D 63 -20.55 -11.61 26.06
C ASN D 63 -21.07 -10.76 24.90
N ASN D 64 -20.60 -9.51 24.80
CA ASN D 64 -21.16 -8.63 23.77
C ASN D 64 -20.20 -8.56 22.58
N GLY D 65 -19.28 -9.51 22.50
CA GLY D 65 -18.39 -9.57 21.34
C GLY D 65 -17.11 -8.76 21.48
N HIS D 66 -17.02 -7.93 22.52
CA HIS D 66 -15.87 -7.05 22.79
C HIS D 66 -15.30 -7.28 24.20
N SER D 67 -16.14 -7.69 25.16
CA SER D 67 -15.73 -7.94 26.53
C SER D 67 -16.79 -8.84 27.14
N VAL D 68 -16.58 -9.19 28.39
CA VAL D 68 -17.66 -9.78 29.15
C VAL D 68 -18.17 -8.70 30.10
N LYS D 69 -19.49 -8.51 30.14
CA LYS D 69 -20.01 -7.46 30.98
C LYS D 69 -21.05 -8.01 31.94
N LEU D 70 -21.10 -7.39 33.11
CA LEU D 70 -22.11 -7.68 34.12
C LEU D 70 -22.98 -6.45 34.31
N ASN D 71 -24.28 -6.63 34.08
CA ASN D 71 -25.22 -5.52 34.27
C ASN D 71 -25.38 -5.27 35.76
N LEU D 72 -25.31 -3.99 36.18
CA LEU D 72 -25.41 -3.59 37.58
C LEU D 72 -26.64 -2.75 37.82
N PRO D 73 -27.20 -2.83 39.05
CA PRO D 73 -28.40 -2.06 39.39
C PRO D 73 -28.03 -0.61 39.70
N SER D 74 -28.89 0.33 39.34
CA SER D 74 -28.62 1.75 39.61
C SER D 74 -28.77 2.11 41.10
N ASP D 75 -29.17 1.12 41.92
CA ASP D 75 -29.14 1.19 43.37
C ASP D 75 -27.72 1.42 43.87
N MET D 76 -26.70 0.99 43.12
CA MET D 76 -25.31 1.10 43.51
C MET D 76 -24.82 2.51 43.18
N HIS D 77 -24.23 3.19 44.18
CA HIS D 77 -23.87 4.59 44.02
C HIS D 77 -22.44 4.86 44.48
N ILE D 78 -21.80 5.82 43.79
CA ILE D 78 -20.62 6.47 44.33
C ILE D 78 -21.07 7.72 45.09
N GLN D 79 -20.53 7.83 46.31
CA GLN D 79 -20.59 8.97 47.21
C GLN D 79 -19.20 9.61 47.26
N GLY D 80 -19.16 10.94 47.12
CA GLY D 80 -17.93 11.70 47.29
C GLY D 80 -17.52 12.52 46.06
N LEU D 81 -18.19 12.31 44.91
CA LEU D 81 -18.01 13.15 43.73
C LEU D 81 -19.01 14.30 43.81
N GLN D 82 -19.01 15.18 42.81
CA GLN D 82 -19.76 16.42 42.93
C GLN D 82 -21.26 16.15 42.69
N SER D 83 -21.57 15.11 41.91
CA SER D 83 -22.91 14.59 41.75
C SER D 83 -22.93 13.14 42.22
N ARG D 84 -24.12 12.58 42.42
CA ARG D 84 -24.23 11.13 42.57
C ARG D 84 -24.03 10.44 41.22
N TYR D 85 -23.19 9.40 41.19
CA TYR D 85 -23.07 8.52 40.04
C TYR D 85 -23.65 7.17 40.41
N SER D 86 -24.53 6.63 39.56
CA SER D 86 -25.13 5.31 39.75
C SER D 86 -24.57 4.28 38.77
N ALA D 87 -24.43 3.03 39.25
CA ALA D 87 -23.81 1.98 38.42
C ALA D 87 -24.68 1.60 37.22
N THR D 88 -24.00 1.25 36.11
CA THR D 88 -24.67 0.63 34.98
C THR D 88 -24.14 -0.77 34.68
N GLN D 89 -22.81 -0.96 34.68
CA GLN D 89 -22.22 -2.25 34.34
C GLN D 89 -20.75 -2.30 34.73
N LEU D 90 -20.20 -3.51 34.76
CA LEU D 90 -18.76 -3.63 34.86
C LEU D 90 -18.30 -4.60 33.79
N HIS D 91 -17.03 -4.47 33.40
CA HIS D 91 -16.45 -5.38 32.43
C HIS D 91 -14.93 -5.36 32.58
N LEU D 92 -14.26 -6.22 31.77
CA LEU D 92 -12.82 -6.37 31.88
C LEU D 92 -12.09 -6.23 30.54
N HIS D 93 -10.78 -6.04 30.69
CA HIS D 93 -9.86 -5.96 29.57
C HIS D 93 -8.64 -6.82 29.91
N TRP D 94 -8.12 -7.56 28.93
CA TRP D 94 -7.00 -8.47 29.21
C TRP D 94 -6.16 -8.69 27.96
N GLY D 95 -5.09 -9.47 28.12
CA GLY D 95 -4.20 -9.71 26.99
C GLY D 95 -4.38 -11.14 26.45
N ASN D 96 -3.29 -11.94 26.47
CA ASN D 96 -3.36 -13.27 25.86
C ASN D 96 -2.37 -14.20 26.56
N PRO D 97 -2.54 -15.55 26.47
CA PRO D 97 -1.63 -16.47 27.17
C PRO D 97 -0.14 -16.22 26.90
N ASN D 98 0.19 -15.80 25.68
CA ASN D 98 1.58 -15.61 25.26
C ASN D 98 2.13 -14.25 25.68
N ASP D 99 1.25 -13.33 26.13
CA ASP D 99 1.63 -11.98 26.55
C ASP D 99 0.55 -11.46 27.49
N PRO D 100 0.61 -11.88 28.77
CA PRO D 100 -0.46 -11.65 29.75
C PRO D 100 -0.37 -10.27 30.40
N HIS D 101 -0.40 -9.23 29.55
CA HIS D 101 -0.30 -7.83 29.93
C HIS D 101 -1.34 -7.04 29.15
N GLY D 102 -2.55 -6.93 29.68
CA GLY D 102 -3.66 -6.38 28.91
C GLY D 102 -4.49 -5.35 29.68
N SER D 103 -3.90 -4.69 30.69
CA SER D 103 -4.53 -3.51 31.26
C SER D 103 -4.66 -2.41 30.19
N GLU D 104 -5.57 -1.49 30.43
CA GLU D 104 -5.67 -0.30 29.57
C GLU D 104 -4.71 0.77 30.06
N HIS D 105 -4.90 1.22 31.30
CA HIS D 105 -3.96 2.17 31.88
C HIS D 105 -2.64 1.44 32.17
N THR D 106 -1.53 2.19 32.03
CA THR D 106 -0.23 1.68 32.44
C THR D 106 0.30 2.64 33.51
N VAL D 107 1.28 2.14 34.30
CA VAL D 107 1.97 2.93 35.32
C VAL D 107 3.46 2.76 35.05
N SER D 108 4.11 3.91 34.80
CA SER D 108 5.51 3.99 34.40
C SER D 108 5.83 3.02 33.28
N GLY D 109 4.89 2.82 32.34
CA GLY D 109 5.20 2.19 31.07
C GLY D 109 4.87 0.70 31.06
N GLN D 110 4.53 0.20 32.25
CA GLN D 110 4.27 -1.21 32.50
C GLN D 110 2.77 -1.49 32.55
N HIS D 111 2.41 -2.50 31.75
CA HIS D 111 1.07 -3.03 31.71
C HIS D 111 0.89 -3.93 32.92
N PHE D 112 -0.34 -3.91 33.44
CA PHE D 112 -0.80 -4.90 34.38
C PHE D 112 -1.45 -6.03 33.59
N ALA D 113 -1.70 -7.16 34.26
CA ALA D 113 -2.24 -8.30 33.54
C ALA D 113 -3.62 -7.98 32.96
N ALA D 114 -4.43 -7.20 33.69
CA ALA D 114 -5.82 -6.97 33.25
C ALA D 114 -6.38 -5.75 33.96
N GLU D 115 -7.61 -5.32 33.61
CA GLU D 115 -8.20 -4.13 34.25
C GLU D 115 -9.71 -4.31 34.28
N LEU D 116 -10.29 -3.98 35.45
CA LEU D 116 -11.74 -4.00 35.65
C LEU D 116 -12.21 -2.55 35.55
N HIS D 117 -13.32 -2.33 34.81
CA HIS D 117 -14.00 -1.05 34.76
C HIS D 117 -15.39 -1.18 35.35
N ILE D 118 -15.70 -0.35 36.35
CA ILE D 118 -17.08 -0.23 36.83
C ILE D 118 -17.62 1.12 36.34
N VAL D 119 -18.54 1.07 35.37
CA VAL D 119 -19.10 2.26 34.72
C VAL D 119 -20.30 2.81 35.52
N HIS D 120 -20.33 4.14 35.78
CA HIS D 120 -21.47 4.78 36.45
C HIS D 120 -21.88 6.00 35.62
N TYR D 121 -23.14 6.45 35.80
CA TYR D 121 -23.65 7.60 35.08
C TYR D 121 -24.15 8.62 36.10
N ASN D 122 -24.15 9.88 35.67
CA ASN D 122 -24.58 10.95 36.55
C ASN D 122 -26.10 10.91 36.64
N SER D 123 -26.61 10.35 37.76
CA SER D 123 -28.04 10.14 37.91
C SER D 123 -28.73 11.37 38.50
N ASP D 124 -27.94 12.35 38.92
CA ASP D 124 -28.48 13.64 39.37
C ASP D 124 -28.95 14.40 38.14
N LEU D 125 -28.22 14.25 37.02
CA LEU D 125 -28.41 15.08 35.84
C LEU D 125 -29.25 14.34 34.79
N TYR D 126 -29.12 13.01 34.71
CA TYR D 126 -29.64 12.31 33.55
C TYR D 126 -30.45 11.11 33.96
N PRO D 127 -31.46 10.71 33.16
CA PRO D 127 -32.37 9.63 33.55
C PRO D 127 -31.80 8.23 33.39
N ASP D 128 -30.77 8.06 32.53
CA ASP D 128 -30.16 6.76 32.31
C ASP D 128 -28.76 6.93 31.69
N ALA D 129 -28.00 5.84 31.69
CA ALA D 129 -26.62 5.81 31.21
C ALA D 129 -26.55 6.12 29.71
N SER D 130 -27.51 5.61 28.93
CA SER D 130 -27.61 5.89 27.50
C SER D 130 -27.65 7.39 27.24
N THR D 131 -28.55 8.08 27.96
CA THR D 131 -28.71 9.52 27.80
C THR D 131 -27.47 10.27 28.27
N ALA D 132 -26.86 9.82 29.38
CA ALA D 132 -25.73 10.53 29.97
C ALA D 132 -24.47 10.39 29.10
N SER D 133 -24.37 9.31 28.33
CA SER D 133 -23.08 8.86 27.82
C SER D 133 -22.39 9.93 26.98
N ASN D 134 -23.16 10.71 26.20
CA ASN D 134 -22.52 11.65 25.29
C ASN D 134 -22.70 13.08 25.79
N LYS D 135 -23.00 13.23 27.07
CA LYS D 135 -23.22 14.56 27.64
C LYS D 135 -22.17 14.88 28.71
N SER D 136 -21.95 16.18 28.93
CA SER D 136 -20.92 16.62 29.86
C SER D 136 -21.21 16.06 31.25
N GLU D 137 -20.13 15.69 31.94
CA GLU D 137 -20.18 15.14 33.29
C GLU D 137 -21.08 13.89 33.34
N GLY D 138 -21.21 13.22 32.20
CA GLY D 138 -22.17 12.12 32.11
C GLY D 138 -21.72 10.87 32.87
N LEU D 139 -20.44 10.53 32.78
CA LEU D 139 -20.00 9.20 33.19
C LEU D 139 -18.83 9.33 34.17
N ALA D 140 -18.76 8.33 35.08
CA ALA D 140 -17.60 8.14 35.91
C ALA D 140 -17.28 6.65 35.88
N VAL D 141 -15.99 6.34 35.82
CA VAL D 141 -15.59 4.95 35.78
C VAL D 141 -14.56 4.71 36.87
N LEU D 142 -14.71 3.59 37.59
CA LEU D 142 -13.69 3.15 38.53
C LEU D 142 -12.86 2.10 37.83
N ALA D 143 -11.53 2.29 37.85
CA ALA D 143 -10.63 1.31 37.23
C ALA D 143 -9.79 0.62 38.29
N VAL D 144 -9.75 -0.70 38.21
CA VAL D 144 -8.94 -1.52 39.10
C VAL D 144 -7.92 -2.26 38.27
N LEU D 145 -6.63 -2.09 38.62
CA LEU D 145 -5.56 -2.77 37.92
C LEU D 145 -5.37 -4.15 38.55
N ILE D 146 -5.17 -5.14 37.68
CA ILE D 146 -5.11 -6.55 38.09
C ILE D 146 -3.71 -7.08 37.80
N GLU D 147 -3.08 -7.72 38.80
CA GLU D 147 -1.81 -8.42 38.65
C GLU D 147 -1.90 -9.90 39.08
N MET D 148 -0.92 -10.71 38.65
CA MET D 148 -0.91 -12.13 39.04
C MET D 148 -0.55 -12.25 40.50
N GLY D 149 -1.02 -13.31 41.16
CA GLY D 149 -0.65 -13.55 42.54
C GLY D 149 -1.59 -14.59 43.13
N SER D 150 -2.17 -14.30 44.30
CA SER D 150 -2.99 -15.26 45.03
C SER D 150 -4.32 -15.45 44.31
N PHE D 151 -4.85 -16.67 44.34
CA PHE D 151 -6.24 -16.92 43.98
C PHE D 151 -7.15 -15.91 44.69
N ASN D 152 -8.13 -15.38 43.95
CA ASN D 152 -9.03 -14.34 44.43
C ASN D 152 -10.45 -14.87 44.34
N PRO D 153 -11.06 -15.31 45.47
CA PRO D 153 -12.45 -15.80 45.48
C PRO D 153 -13.51 -14.83 44.94
N SER D 154 -13.33 -13.53 45.24
CA SER D 154 -14.26 -12.51 44.78
C SER D 154 -14.26 -12.42 43.25
N TYR D 155 -13.08 -12.36 42.63
CA TYR D 155 -13.04 -12.37 41.16
C TYR D 155 -13.61 -13.67 40.57
N ASP D 156 -13.50 -14.79 41.29
CA ASP D 156 -14.04 -16.03 40.75
C ASP D 156 -15.58 -16.01 40.66
N LYS D 157 -16.23 -15.08 41.39
CA LYS D 157 -17.67 -14.88 41.33
C LYS D 157 -18.10 -14.36 39.95
N ILE D 158 -17.10 -13.97 39.14
CA ILE D 158 -17.30 -13.67 37.73
C ILE D 158 -16.73 -14.81 36.88
N PHE D 159 -15.46 -15.15 37.15
CA PHE D 159 -14.76 -16.00 36.19
C PHE D 159 -15.34 -17.41 36.15
N SER D 160 -15.93 -17.86 37.24
CA SER D 160 -16.45 -19.22 37.31
C SER D 160 -17.64 -19.43 36.35
N HIS D 161 -18.16 -18.31 35.85
CA HIS D 161 -19.35 -18.33 35.03
C HIS D 161 -19.02 -18.10 33.57
N LEU D 162 -17.74 -17.90 33.23
CA LEU D 162 -17.39 -17.56 31.85
C LEU D 162 -17.85 -18.63 30.86
N GLN D 163 -17.88 -19.88 31.31
CA GLN D 163 -18.26 -21.04 30.50
C GLN D 163 -19.62 -20.83 29.83
N HIS D 164 -20.51 -20.08 30.50
CA HIS D 164 -21.87 -19.91 30.04
C HIS D 164 -21.96 -18.85 28.95
N VAL D 165 -20.89 -18.05 28.77
CA VAL D 165 -20.98 -16.90 27.86
C VAL D 165 -19.84 -16.93 26.85
N LYS D 166 -19.46 -18.14 26.45
CA LYS D 166 -18.33 -18.37 25.55
C LYS D 166 -18.37 -17.52 24.28
N TYR D 167 -19.55 -17.40 23.65
CA TYR D 167 -19.64 -16.77 22.34
C TYR D 167 -20.43 -15.48 22.40
N LYS D 168 -20.23 -14.64 21.38
CA LYS D 168 -20.95 -13.38 21.25
C LYS D 168 -22.47 -13.59 21.33
N GLY D 169 -23.15 -12.79 22.16
CA GLY D 169 -24.60 -12.84 22.25
C GLY D 169 -25.08 -13.78 23.35
N GLN D 170 -24.16 -14.61 23.89
CA GLN D 170 -24.57 -15.50 24.97
C GLN D 170 -24.65 -14.75 26.31
N GLU D 171 -25.68 -15.09 27.09
CA GLU D 171 -25.95 -14.41 28.34
C GLU D 171 -26.31 -15.46 29.40
N ALA D 172 -26.02 -15.15 30.66
CA ALA D 172 -26.47 -15.98 31.77
C ALA D 172 -26.71 -15.12 32.97
N PHE D 173 -27.82 -15.36 33.69
CA PHE D 173 -27.97 -14.73 35.00
C PHE D 173 -27.03 -15.38 36.02
N VAL D 174 -26.36 -14.55 36.85
CA VAL D 174 -25.49 -15.04 37.89
C VAL D 174 -25.94 -14.44 39.23
N PRO D 175 -25.59 -15.11 40.35
CA PRO D 175 -25.92 -14.61 41.70
C PRO D 175 -25.16 -13.32 42.01
N GLY D 176 -25.82 -12.39 42.69
CA GLY D 176 -25.17 -11.20 43.23
C GLY D 176 -24.08 -11.53 44.24
N PHE D 177 -23.18 -10.57 44.42
CA PHE D 177 -22.16 -10.69 45.45
C PHE D 177 -21.74 -9.28 45.82
N ASN D 178 -20.80 -9.16 46.77
CA ASN D 178 -20.37 -7.84 47.20
C ASN D 178 -19.36 -7.29 46.18
N ILE D 179 -19.78 -6.30 45.37
CA ILE D 179 -18.93 -5.79 44.30
C ILE D 179 -17.74 -5.04 44.90
N GLU D 180 -17.89 -4.60 46.14
CA GLU D 180 -16.77 -3.91 46.76
C GLU D 180 -15.57 -4.84 46.93
N GLU D 181 -15.82 -6.17 46.98
CA GLU D 181 -14.73 -7.11 47.12
C GLU D 181 -13.82 -7.12 45.89
N LEU D 182 -14.27 -6.51 44.80
CA LEU D 182 -13.41 -6.47 43.60
C LEU D 182 -12.43 -5.30 43.68
N LEU D 183 -12.61 -4.42 44.64
CA LEU D 183 -11.78 -3.23 44.74
C LEU D 183 -10.54 -3.55 45.54
N PRO D 184 -9.47 -2.74 45.38
CA PRO D 184 -8.20 -2.95 46.08
C PRO D 184 -8.30 -2.54 47.54
N GLU D 185 -7.30 -2.92 48.33
CA GLU D 185 -7.12 -2.32 49.64
C GLU D 185 -6.69 -0.87 49.46
N ARG D 186 -7.12 -0.01 50.39
CA ARG D 186 -6.77 1.40 50.35
C ARG D 186 -7.33 2.05 49.09
N THR D 187 -8.66 2.05 48.97
CA THR D 187 -9.27 2.79 47.86
C THR D 187 -9.08 4.29 47.98
N ALA D 188 -8.53 4.80 49.09
CA ALA D 188 -8.43 6.24 49.25
C ALA D 188 -7.30 6.82 48.39
N GLU D 189 -6.42 5.93 47.95
CA GLU D 189 -5.32 6.26 47.06
C GLU D 189 -5.74 6.05 45.61
N TYR D 190 -5.80 7.14 44.83
CA TYR D 190 -6.18 6.98 43.43
C TYR D 190 -5.63 8.11 42.55
N TYR D 191 -5.64 7.84 41.24
CA TYR D 191 -5.43 8.84 40.21
C TYR D 191 -6.79 9.29 39.68
N ARG D 192 -6.89 10.56 39.28
CA ARG D 192 -8.14 11.15 38.83
C ARG D 192 -7.86 12.03 37.62
N TYR D 193 -8.59 11.81 36.50
CA TYR D 193 -8.47 12.73 35.38
C TYR D 193 -9.71 12.72 34.49
N ARG D 194 -9.87 13.77 33.67
CA ARG D 194 -10.95 13.81 32.70
C ARG D 194 -10.48 13.12 31.41
N GLY D 195 -11.24 12.11 30.97
CA GLY D 195 -10.91 11.39 29.74
C GLY D 195 -12.15 10.89 29.00
N SER D 196 -12.01 9.74 28.33
CA SER D 196 -13.05 9.24 27.43
C SER D 196 -13.41 7.78 27.71
N LEU D 197 -14.50 7.30 27.08
CA LEU D 197 -14.66 5.87 26.86
C LEU D 197 -13.44 5.33 26.11
N THR D 198 -13.00 4.12 26.44
CA THR D 198 -11.86 3.52 25.75
C THR D 198 -12.29 2.61 24.60
N THR D 199 -13.60 2.59 24.31
CA THR D 199 -14.13 1.84 23.17
C THR D 199 -15.02 2.79 22.39
N PRO D 200 -15.29 2.53 21.09
CA PRO D 200 -16.22 3.36 20.36
C PRO D 200 -17.54 3.41 21.11
N PRO D 201 -18.20 4.56 21.13
CA PRO D 201 -17.80 5.76 20.37
C PRO D 201 -16.80 6.74 20.99
N CYS D 202 -16.09 6.34 22.06
CA CYS D 202 -14.94 7.12 22.54
C CYS D 202 -15.36 8.49 23.07
N ASN D 203 -16.59 8.59 23.58
CA ASN D 203 -17.09 9.89 24.02
C ASN D 203 -16.19 10.49 25.11
N PRO D 204 -15.84 11.79 25.00
CA PRO D 204 -14.96 12.40 25.99
C PRO D 204 -15.69 12.86 27.26
N THR D 205 -16.34 11.92 27.94
CA THR D 205 -17.32 12.33 28.93
C THR D 205 -17.07 11.63 30.27
N VAL D 206 -15.85 11.07 30.42
CA VAL D 206 -15.65 10.18 31.54
C VAL D 206 -14.76 10.83 32.58
N LEU D 207 -15.27 10.86 33.81
CA LEU D 207 -14.40 11.17 34.95
C LEU D 207 -13.76 9.87 35.45
N TRP D 208 -12.45 9.69 35.19
CA TRP D 208 -11.75 8.48 35.59
C TRP D 208 -11.24 8.55 37.02
N THR D 209 -11.41 7.45 37.73
CA THR D 209 -10.73 7.16 38.99
C THR D 209 -10.02 5.82 38.84
N VAL D 210 -8.68 5.88 38.83
CA VAL D 210 -7.88 4.68 38.76
C VAL D 210 -7.24 4.43 40.12
N PHE D 211 -7.56 3.29 40.75
CA PHE D 211 -7.04 3.09 42.10
C PHE D 211 -5.54 2.81 42.02
N ARG D 212 -4.78 3.36 42.95
CA ARG D 212 -3.32 3.22 42.89
C ARG D 212 -2.89 1.77 43.12
N ASN D 213 -3.58 1.06 44.05
CA ASN D 213 -3.19 -0.29 44.45
C ASN D 213 -3.90 -1.31 43.56
N PRO D 214 -3.15 -2.24 42.93
CA PRO D 214 -3.74 -3.38 42.23
C PRO D 214 -4.31 -4.44 43.17
N VAL D 215 -5.13 -5.31 42.56
CA VAL D 215 -5.56 -6.55 43.15
C VAL D 215 -4.81 -7.71 42.47
N GLN D 216 -4.81 -8.90 43.12
CA GLN D 216 -4.15 -10.06 42.55
C GLN D 216 -5.22 -11.10 42.22
N ILE D 217 -5.04 -11.78 41.09
CA ILE D 217 -5.73 -13.01 40.76
C ILE D 217 -4.68 -14.05 40.39
N SER D 218 -5.01 -15.34 40.50
CA SER D 218 -4.07 -16.41 40.22
C SER D 218 -3.75 -16.49 38.72
N GLN D 219 -2.60 -17.10 38.42
CA GLN D 219 -2.24 -17.47 37.06
C GLN D 219 -3.31 -18.31 36.37
N GLU D 220 -3.93 -19.25 37.11
CA GLU D 220 -5.00 -20.08 36.56
C GLU D 220 -6.25 -19.26 36.24
N GLN D 221 -6.61 -18.31 37.11
CA GLN D 221 -7.80 -17.47 36.86
C GLN D 221 -7.53 -16.62 35.62
N LEU D 222 -6.33 -16.04 35.53
CA LEU D 222 -6.00 -15.16 34.42
C LEU D 222 -5.99 -15.95 33.10
N LEU D 223 -5.45 -17.19 33.12
CA LEU D 223 -5.50 -18.00 31.90
C LEU D 223 -6.94 -18.34 31.48
N ALA D 224 -7.81 -18.63 32.45
CA ALA D 224 -9.22 -18.90 32.20
C ALA D 224 -9.88 -17.73 31.46
N LEU D 225 -9.64 -16.52 31.97
CA LEU D 225 -10.17 -15.29 31.40
C LEU D 225 -9.67 -15.12 29.96
N GLU D 226 -8.37 -15.40 29.74
CA GLU D 226 -7.73 -15.19 28.45
C GLU D 226 -8.11 -16.24 27.42
N THR D 227 -8.71 -17.37 27.85
CA THR D 227 -8.94 -18.48 26.95
C THR D 227 -10.42 -18.83 26.80
N ALA D 228 -11.30 -18.19 27.60
CA ALA D 228 -12.66 -18.68 27.78
C ALA D 228 -13.60 -18.21 26.67
N LEU D 229 -13.30 -17.06 26.04
CA LEU D 229 -14.29 -16.31 25.30
C LEU D 229 -13.90 -16.10 23.84
N TYR D 230 -14.95 -15.88 23.04
CA TYR D 230 -14.85 -15.64 21.60
C TYR D 230 -15.61 -14.37 21.22
N CYS D 231 -15.10 -13.66 20.21
CA CYS D 231 -15.73 -12.43 19.75
C CYS D 231 -16.85 -12.67 18.75
N THR D 232 -16.95 -13.90 18.25
CA THR D 232 -17.85 -14.29 17.18
C THR D 232 -19.02 -15.11 17.75
N HIS D 233 -20.12 -15.20 16.98
CA HIS D 233 -21.29 -15.98 17.37
C HIS D 233 -20.98 -17.47 17.37
N MET D 234 -21.82 -18.28 18.05
CA MET D 234 -21.59 -19.70 18.27
C MET D 234 -21.54 -20.48 16.95
N ASP D 235 -22.25 -19.98 15.92
CA ASP D 235 -22.31 -20.66 14.63
C ASP D 235 -21.46 -19.98 13.56
N ASP D 236 -20.51 -19.10 13.95
CA ASP D 236 -19.69 -18.40 12.97
C ASP D 236 -18.66 -19.39 12.46
N PRO D 237 -18.44 -19.49 11.11
CA PRO D 237 -17.51 -20.46 10.53
C PRO D 237 -16.03 -20.13 10.75
N SER D 238 -15.73 -18.85 11.00
CA SER D 238 -14.37 -18.44 11.33
C SER D 238 -14.31 -17.80 12.73
N PRO D 239 -14.14 -18.63 13.79
CA PRO D 239 -14.10 -18.14 15.18
C PRO D 239 -12.95 -17.15 15.38
N ARG D 240 -13.14 -16.20 16.31
CA ARG D 240 -12.07 -15.32 16.74
C ARG D 240 -12.08 -15.25 18.27
N GLU D 241 -10.93 -15.58 18.87
CA GLU D 241 -10.72 -15.58 20.31
C GLU D 241 -10.82 -14.13 20.80
N MET D 242 -11.47 -13.96 21.95
CA MET D 242 -11.48 -12.66 22.63
C MET D 242 -10.21 -12.50 23.46
N ILE D 243 -9.18 -11.90 22.84
CA ILE D 243 -7.90 -11.63 23.51
C ILE D 243 -7.44 -10.22 23.10
N ASN D 244 -6.54 -9.64 23.90
CA ASN D 244 -5.94 -8.33 23.69
C ASN D 244 -7.01 -7.25 23.47
N ASN D 245 -8.08 -7.30 24.30
CA ASN D 245 -9.21 -6.42 24.09
C ASN D 245 -8.99 -5.14 24.89
N PHE D 246 -7.85 -4.49 24.62
CA PHE D 246 -7.50 -3.24 25.29
C PHE D 246 -7.04 -2.24 24.23
N ARG D 247 -7.28 -0.96 24.51
CA ARG D 247 -6.78 0.11 23.64
C ARG D 247 -5.36 0.49 24.06
N GLN D 248 -4.50 0.80 23.06
CA GLN D 248 -3.20 1.35 23.41
C GLN D 248 -3.34 2.68 24.15
N VAL D 249 -2.33 3.04 24.96
CA VAL D 249 -2.37 4.36 25.62
C VAL D 249 -2.28 5.50 24.60
N GLN D 250 -2.89 6.62 24.96
CA GLN D 250 -3.08 7.82 24.15
C GLN D 250 -2.09 8.88 24.63
N LYS D 251 -1.71 9.77 23.71
CA LYS D 251 -0.98 10.98 24.07
C LYS D 251 -1.76 11.76 25.13
N PHE D 252 -1.00 12.34 26.08
CA PHE D 252 -1.53 13.18 27.14
C PHE D 252 -0.44 14.19 27.45
N ASP D 253 -0.51 15.32 26.76
CA ASP D 253 0.56 16.32 26.83
C ASP D 253 -0.01 17.63 27.38
N GLU D 254 0.79 18.34 28.17
CA GLU D 254 0.42 19.62 28.77
C GLU D 254 -0.91 19.47 29.50
N ARG D 255 -1.19 18.26 30.00
CA ARG D 255 -2.37 17.97 30.81
C ARG D 255 -1.89 17.36 32.14
N LEU D 256 -2.72 17.40 33.19
CA LEU D 256 -2.32 16.81 34.46
C LEU D 256 -3.30 15.70 34.91
N VAL D 257 -2.70 14.69 35.54
CA VAL D 257 -3.47 13.72 36.30
C VAL D 257 -3.28 14.04 37.77
N TYR D 258 -4.41 14.17 38.49
CA TYR D 258 -4.37 14.48 39.91
C TYR D 258 -4.30 13.21 40.73
N THR D 259 -3.52 13.27 41.81
CA THR D 259 -3.42 12.12 42.68
C THR D 259 -3.94 12.49 44.07
N SER D 260 -4.55 11.49 44.71
CA SER D 260 -5.00 11.71 46.09
C SER D 260 -3.89 11.42 47.08
N PHE D 261 -2.70 11.08 46.58
CA PHE D 261 -1.57 10.71 47.42
C PHE D 261 -0.34 11.51 46.97
N SER D 262 0.64 11.65 47.87
CA SER D 262 1.85 12.42 47.62
C SER D 262 2.84 11.60 46.80
N GLN D 263 3.16 10.40 47.28
#